data_2D5Z
#
_entry.id   2D5Z
#
_cell.length_a   63.028
_cell.length_b   82.697
_cell.length_c   110.343
_cell.angle_alpha   90.00
_cell.angle_beta   90.00
_cell.angle_gamma   90.00
#
_symmetry.space_group_name_H-M   'P 21 21 21'
#
loop_
_entity.id
_entity.type
_entity.pdbx_description
1 polymer 'Hemoglobin alpha subunit'
2 polymer 'Hemoglobin beta subunit'
3 non-polymer 'PROTOPORPHYRIN IX CONTAINING FE'
4 non-polymer '2-[4-({[(3,5-DICHLOROPHENYL)AMINO]CARBONYL}AMINO)PHENOXY]-2-METHYLPROPANOIC ACID'
5 water water
#
loop_
_entity_poly.entity_id
_entity_poly.type
_entity_poly.pdbx_seq_one_letter_code
_entity_poly.pdbx_strand_id
1 'polypeptide(L)'
;VLSPADKTNVKAAWGKVGAHAGEYGAEALERMFLSFPTTKTYFPHFDLSHGSAQVKGHGKKVADALTNAVAHVDDMPNAL
SALSDLHAHKLRVDPVNFKLLSHCLLVTLAAHLPAEFTPAVHASLDKFLASVSTVLTSKYR
;
A,C
2 'polypeptide(L)'
;VHLTPEEKSAVTALWGKVNVDEVGGEALGRLLVVYPWTQRFFESFGDLSTPDAVMGNPKVKAHGKKVLGAFSDGLAHLDN
LKGTFATLSELHCDKLHVDPENFRLLGNVLVCVLAHHFGKEFTPPVQAAYQKVVAGVANALAHKYH
;
B,D
#
loop_
_chem_comp.id
_chem_comp.type
_chem_comp.name
_chem_comp.formula
HEM non-polymer 'PROTOPORPHYRIN IX CONTAINING FE' 'C34 H32 Fe N4 O4'
L35 non-polymer '2-[4-({[(3,5-DICHLOROPHENYL)AMINO]CARBONYL}AMINO)PHENOXY]-2-METHYLPROPANOIC ACID' 'C17 H16 Cl2 N2 O4'
#
# COMPACT_ATOMS: atom_id res chain seq x y z
N VAL A 1 -1.21 -8.93 16.86
CA VAL A 1 -0.61 -10.21 17.33
C VAL A 1 -1.60 -11.33 17.05
N LEU A 2 -1.07 -12.53 16.88
CA LEU A 2 -1.89 -13.73 16.70
C LEU A 2 -2.41 -14.18 18.07
N SER A 3 -3.74 -14.24 18.20
CA SER A 3 -4.38 -14.73 19.43
C SER A 3 -4.29 -16.25 19.48
N PRO A 4 -4.51 -16.87 20.64
CA PRO A 4 -4.61 -18.32 20.70
C PRO A 4 -5.60 -18.89 19.67
N ALA A 5 -6.74 -18.23 19.52
CA ALA A 5 -7.75 -18.60 18.52
C ALA A 5 -7.20 -18.51 17.10
N ASP A 6 -6.45 -17.46 16.79
CA ASP A 6 -5.78 -17.37 15.46
C ASP A 6 -4.87 -18.56 15.24
N LYS A 7 -4.07 -18.90 16.25
CA LYS A 7 -3.08 -19.96 16.10
C LYS A 7 -3.76 -21.30 15.88
N THR A 8 -4.81 -21.56 16.64
CA THR A 8 -5.62 -22.75 16.46
C THR A 8 -6.19 -22.84 15.02
N ASN A 9 -6.79 -21.75 14.55
CA ASN A 9 -7.40 -21.68 13.20
C ASN A 9 -6.38 -21.90 12.10
N VAL A 10 -5.22 -21.26 12.22
CA VAL A 10 -4.14 -21.44 11.24
C VAL A 10 -3.67 -22.88 11.20
N LYS A 11 -3.42 -23.46 12.38
CA LYS A 11 -2.93 -24.84 12.45
C LYS A 11 -3.95 -25.83 11.87
N ALA A 12 -5.22 -25.62 12.18
CA ALA A 12 -6.31 -26.46 11.63
C ALA A 12 -6.37 -26.36 10.11
N ALA A 13 -6.39 -25.13 9.59
CA ALA A 13 -6.51 -24.90 8.15
C ALA A 13 -5.25 -25.38 7.41
N TRP A 14 -4.07 -24.97 7.88
CA TRP A 14 -2.82 -25.35 7.22
C TRP A 14 -2.55 -26.85 7.31
N GLY A 15 -3.04 -27.49 8.37
CA GLY A 15 -2.92 -28.95 8.51
C GLY A 15 -3.59 -29.66 7.35
N LYS A 16 -4.66 -29.06 6.84
CA LYS A 16 -5.39 -29.59 5.69
C LYS A 16 -4.60 -29.56 4.38
N VAL A 17 -3.68 -28.60 4.27
CA VAL A 17 -2.79 -28.52 3.10
C VAL A 17 -1.99 -29.82 2.98
N GLY A 18 -1.23 -30.15 4.03
CA GLY A 18 -0.47 -31.40 4.11
C GLY A 18 0.45 -31.68 2.94
N ALA A 19 0.17 -32.78 2.25
CA ALA A 19 0.97 -33.21 1.10
C ALA A 19 0.73 -32.37 -0.14
N HIS A 20 -0.13 -31.36 -0.03
CA HIS A 20 -0.42 -30.50 -1.18
C HIS A 20 0.48 -29.26 -1.25
N ALA A 21 1.60 -29.28 -0.51
CA ALA A 21 2.49 -28.11 -0.41
C ALA A 21 2.96 -27.52 -1.75
N GLY A 22 3.67 -28.30 -2.55
CA GLY A 22 4.14 -27.86 -3.86
C GLY A 22 3.02 -27.36 -4.74
N GLU A 23 1.92 -28.11 -4.74
CA GLU A 23 0.77 -27.78 -5.55
C GLU A 23 0.20 -26.41 -5.15
N TYR A 24 -0.02 -26.20 -3.87
CA TYR A 24 -0.71 -24.96 -3.46
C TYR A 24 0.22 -23.75 -3.60
N GLY A 25 1.50 -23.94 -3.27
CA GLY A 25 2.50 -22.90 -3.45
C GLY A 25 2.65 -22.48 -4.89
N ALA A 26 2.73 -23.46 -5.80
CA ALA A 26 2.84 -23.19 -7.23
C ALA A 26 1.59 -22.48 -7.74
N GLU A 27 0.42 -22.95 -7.29
CA GLU A 27 -0.83 -22.29 -7.68
C GLU A 27 -0.90 -20.82 -7.20
N ALA A 28 -0.56 -20.58 -5.93
CA ALA A 28 -0.54 -19.21 -5.39
C ALA A 28 0.41 -18.33 -6.21
N LEU A 29 1.59 -18.86 -6.55
CA LEU A 29 2.54 -18.11 -7.38
C LEU A 29 1.96 -17.77 -8.75
N GLU A 30 1.32 -18.74 -9.40
CA GLU A 30 0.73 -18.51 -10.72
C GLU A 30 -0.37 -17.48 -10.62
N ARG A 31 -1.19 -17.58 -9.57
CA ARG A 31 -2.23 -16.60 -9.35
C ARG A 31 -1.64 -15.21 -9.25
N MET A 32 -0.50 -15.12 -8.55
CA MET A 32 0.18 -13.83 -8.39
C MET A 32 0.72 -13.29 -9.72
N PHE A 33 1.43 -14.13 -10.46
CA PHE A 33 2.02 -13.70 -11.73
C PHE A 33 0.97 -13.24 -12.73
N LEU A 34 -0.19 -13.89 -12.72
CA LEU A 34 -1.22 -13.55 -13.68
C LEU A 34 -2.04 -12.34 -13.26
N SER A 35 -2.33 -12.28 -11.95
CA SER A 35 -3.17 -11.21 -11.44
C SER A 35 -2.40 -9.89 -11.28
N PHE A 36 -1.12 -10.02 -10.92
CA PHE A 36 -0.28 -8.86 -10.62
C PHE A 36 1.04 -9.03 -11.39
N PRO A 37 1.00 -8.78 -12.69
CA PRO A 37 2.16 -9.06 -13.55
C PRO A 37 3.47 -8.35 -13.15
N THR A 38 3.41 -7.23 -12.43
CA THR A 38 4.66 -6.58 -11.99
C THR A 38 5.50 -7.46 -11.07
N THR A 39 4.86 -8.44 -10.40
CA THR A 39 5.63 -9.34 -9.53
C THR A 39 6.61 -10.19 -10.33
N LYS A 40 6.33 -10.34 -11.64
CA LYS A 40 7.24 -11.10 -12.49
C LYS A 40 8.60 -10.41 -12.66
N THR A 41 8.70 -9.13 -12.32
CA THR A 41 9.99 -8.46 -12.40
C THR A 41 11.05 -9.08 -11.49
N TYR A 42 10.63 -9.86 -10.48
CA TYR A 42 11.55 -10.50 -9.54
C TYR A 42 11.99 -11.86 -10.02
N PHE A 43 11.36 -12.32 -11.09
CA PHE A 43 11.63 -13.66 -11.65
C PHE A 43 11.98 -13.66 -13.15
N PRO A 44 12.85 -12.75 -13.59
CA PRO A 44 13.14 -12.66 -15.04
C PRO A 44 13.93 -13.88 -15.45
N HIS A 45 14.51 -14.54 -14.46
CA HIS A 45 15.35 -15.73 -14.61
C HIS A 45 14.54 -17.03 -14.56
N PHE A 46 13.23 -16.92 -14.40
CA PHE A 46 12.34 -18.08 -14.34
C PHE A 46 11.61 -18.34 -15.65
N ASP A 47 11.39 -19.62 -15.93
CA ASP A 47 10.36 -20.03 -16.87
C ASP A 47 9.04 -19.93 -16.10
N LEU A 48 8.18 -18.99 -16.50
CA LEU A 48 6.93 -18.76 -15.77
C LEU A 48 5.70 -19.34 -16.46
N SER A 49 5.90 -20.13 -17.51
CA SER A 49 4.79 -20.80 -18.19
C SER A 49 4.00 -21.73 -17.25
N HIS A 50 2.74 -21.97 -17.59
CA HIS A 50 1.87 -22.82 -16.79
C HIS A 50 2.45 -24.22 -16.60
N GLY A 51 2.50 -24.65 -15.35
CA GLY A 51 2.99 -25.97 -14.99
C GLY A 51 4.50 -26.12 -15.12
N SER A 52 5.21 -25.00 -15.23
CA SER A 52 6.67 -25.05 -15.36
C SER A 52 7.24 -25.69 -14.11
N ALA A 53 8.24 -26.55 -14.28
CA ALA A 53 8.84 -27.27 -13.16
C ALA A 53 9.51 -26.29 -12.20
N GLN A 54 10.02 -25.19 -12.73
CA GLN A 54 10.69 -24.16 -11.94
C GLN A 54 9.73 -23.48 -10.93
N VAL A 55 8.55 -23.08 -11.42
CA VAL A 55 7.50 -22.53 -10.55
C VAL A 55 7.01 -23.58 -9.56
N LYS A 56 6.91 -24.83 -9.99
CA LYS A 56 6.53 -25.92 -9.08
C LYS A 56 7.56 -26.07 -7.94
N GLY A 57 8.83 -26.05 -8.29
CA GLY A 57 9.89 -26.20 -7.32
C GLY A 57 9.89 -25.06 -6.32
N HIS A 58 9.77 -23.83 -6.83
CA HIS A 58 9.75 -22.65 -5.99
C HIS A 58 8.51 -22.64 -5.09
N GLY A 59 7.37 -23.00 -5.65
CA GLY A 59 6.12 -23.11 -4.88
C GLY A 59 6.28 -24.06 -3.72
N LYS A 60 6.98 -25.17 -3.95
CA LYS A 60 7.27 -26.10 -2.85
C LYS A 60 8.08 -25.45 -1.73
N LYS A 61 9.11 -24.68 -2.09
CA LYS A 61 9.94 -24.00 -1.10
C LYS A 61 9.15 -22.97 -0.30
N VAL A 62 8.32 -22.17 -0.99
CA VAL A 62 7.50 -21.17 -0.30
C VAL A 62 6.52 -21.84 0.66
N ALA A 63 5.85 -22.89 0.18
CA ALA A 63 4.85 -23.58 0.98
C ALA A 63 5.52 -24.26 2.18
N ASP A 64 6.66 -24.90 1.96
CA ASP A 64 7.38 -25.55 3.06
C ASP A 64 7.82 -24.52 4.12
N ALA A 65 8.23 -23.35 3.67
CA ALA A 65 8.57 -22.26 4.58
C ALA A 65 7.37 -21.85 5.43
N LEU A 66 6.19 -21.79 4.82
CA LEU A 66 5.00 -21.46 5.57
C LEU A 66 4.63 -22.55 6.58
N THR A 67 4.82 -23.82 6.20
CA THR A 67 4.56 -24.93 7.09
C THR A 67 5.46 -24.81 8.32
N ASN A 68 6.73 -24.45 8.10
CA ASN A 68 7.65 -24.19 9.18
C ASN A 68 7.21 -23.00 10.05
N ALA A 69 6.73 -21.94 9.41
CA ALA A 69 6.26 -20.77 10.16
C ALA A 69 5.07 -21.12 11.03
N VAL A 70 4.17 -21.96 10.52
CA VAL A 70 3.04 -22.45 11.32
C VAL A 70 3.52 -23.23 12.54
N ALA A 71 4.51 -24.09 12.33
CA ALA A 71 5.10 -24.85 13.44
C ALA A 71 5.75 -23.94 14.48
N HIS A 72 6.16 -22.75 14.05
CA HIS A 72 6.90 -21.83 14.89
C HIS A 72 6.17 -20.52 15.12
N VAL A 73 4.83 -20.59 15.20
CA VAL A 73 4.02 -19.39 15.42
C VAL A 73 4.43 -18.57 16.64
N ASP A 74 4.99 -19.24 17.66
CA ASP A 74 5.40 -18.57 18.90
C ASP A 74 6.82 -17.98 18.80
N ASP A 75 7.57 -18.35 17.77
CA ASP A 75 8.92 -17.82 17.62
C ASP A 75 9.28 -17.61 16.17
N MET A 76 8.39 -16.91 15.46
CA MET A 76 8.56 -16.70 14.02
C MET A 76 9.77 -15.88 13.59
N PRO A 77 10.12 -14.78 14.28
CA PRO A 77 11.35 -14.06 13.97
C PRO A 77 12.59 -14.95 13.97
N ASN A 78 12.78 -15.73 15.03
CA ASN A 78 13.92 -16.65 15.08
C ASN A 78 13.83 -17.72 13.99
N ALA A 79 12.66 -18.33 13.84
CA ALA A 79 12.47 -19.40 12.87
C ALA A 79 12.68 -18.96 11.41
N LEU A 80 12.32 -17.71 11.11
CA LEU A 80 12.42 -17.19 9.75
C LEU A 80 13.68 -16.38 9.50
N SER A 81 14.67 -16.46 10.40
CA SER A 81 15.86 -15.63 10.31
C SER A 81 16.54 -15.69 8.95
N ALA A 82 16.77 -16.89 8.42
CA ALA A 82 17.54 -17.00 7.18
C ALA A 82 16.76 -16.37 6.03
N LEU A 83 15.44 -16.60 6.01
CA LEU A 83 14.59 -16.09 4.94
C LEU A 83 14.42 -14.58 5.00
N SER A 84 14.32 -14.05 6.22
CA SER A 84 14.25 -12.60 6.41
C SER A 84 15.56 -11.94 6.00
N ASP A 85 16.69 -12.59 6.28
CA ASP A 85 17.94 -12.06 5.82
C ASP A 85 18.02 -12.09 4.30
N LEU A 86 17.61 -13.22 3.71
CA LEU A 86 17.69 -13.39 2.26
C LEU A 86 16.84 -12.35 1.53
N HIS A 87 15.61 -12.16 1.97
CA HIS A 87 14.74 -11.18 1.30
C HIS A 87 15.21 -9.73 1.52
N ALA A 88 15.70 -9.43 2.72
CA ALA A 88 16.20 -8.07 3.01
C ALA A 88 17.48 -7.70 2.26
N HIS A 89 18.41 -8.65 2.16
CA HIS A 89 19.78 -8.30 1.77
C HIS A 89 20.24 -8.78 0.41
N LYS A 90 19.54 -9.76 -0.15
CA LYS A 90 19.86 -10.23 -1.49
C LYS A 90 18.71 -9.99 -2.46
N LEU A 91 17.58 -10.65 -2.21
CA LEU A 91 16.47 -10.58 -3.16
C LEU A 91 15.91 -9.18 -3.25
N ARG A 92 15.76 -8.57 -2.07
CA ARG A 92 15.33 -7.18 -1.94
C ARG A 92 14.01 -6.86 -2.68
N VAL A 93 13.04 -7.75 -2.52
CA VAL A 93 11.70 -7.62 -3.08
C VAL A 93 10.96 -6.46 -2.41
N ASP A 94 10.39 -5.56 -3.19
CA ASP A 94 9.73 -4.42 -2.56
C ASP A 94 8.65 -4.95 -1.63
N PRO A 95 8.56 -4.41 -0.40
CA PRO A 95 7.54 -4.86 0.57
C PRO A 95 6.10 -4.94 0.06
N VAL A 96 5.69 -4.08 -0.90
CA VAL A 96 4.31 -4.14 -1.40
C VAL A 96 3.94 -5.53 -1.95
N ASN A 97 4.92 -6.24 -2.50
CA ASN A 97 4.63 -7.49 -3.13
C ASN A 97 4.23 -8.61 -2.17
N PHE A 98 4.60 -8.48 -0.91
CA PHE A 98 4.15 -9.45 0.07
C PHE A 98 2.63 -9.44 0.25
N LYS A 99 2.01 -8.27 0.09
CA LYS A 99 0.55 -8.18 0.16
C LYS A 99 -0.10 -8.90 -1.03
N LEU A 100 0.53 -8.83 -2.19
CA LEU A 100 0.03 -9.49 -3.38
C LEU A 100 0.10 -11.00 -3.22
N LEU A 101 1.26 -11.50 -2.80
CA LEU A 101 1.40 -12.96 -2.64
C LEU A 101 0.49 -13.46 -1.50
N SER A 102 0.38 -12.69 -0.41
CA SER A 102 -0.49 -13.08 0.71
C SER A 102 -1.93 -13.25 0.23
N HIS A 103 -2.42 -12.30 -0.55
CA HIS A 103 -3.78 -12.38 -1.08
C HIS A 103 -3.94 -13.65 -1.94
N CYS A 104 -2.96 -13.89 -2.80
CA CYS A 104 -3.03 -15.07 -3.67
C CYS A 104 -2.93 -16.40 -2.92
N LEU A 105 -2.19 -16.40 -1.82
CA LEU A 105 -2.15 -17.58 -0.93
C LEU A 105 -3.52 -17.78 -0.29
N LEU A 106 -4.13 -16.69 0.15
CA LEU A 106 -5.43 -16.76 0.77
C LEU A 106 -6.48 -17.26 -0.23
N VAL A 107 -6.42 -16.77 -1.47
CA VAL A 107 -7.35 -17.20 -2.52
C VAL A 107 -7.18 -18.69 -2.82
N THR A 108 -5.92 -19.14 -2.86
CA THR A 108 -5.61 -20.56 -3.07
C THR A 108 -6.21 -21.41 -1.95
N LEU A 109 -6.04 -20.96 -0.72
CA LEU A 109 -6.63 -21.70 0.41
C LEU A 109 -8.16 -21.73 0.33
N ALA A 110 -8.76 -20.61 -0.04
CA ALA A 110 -10.22 -20.54 -0.17
C ALA A 110 -10.73 -21.53 -1.20
N ALA A 111 -9.97 -21.64 -2.31
CA ALA A 111 -10.37 -22.46 -3.44
C ALA A 111 -10.23 -23.95 -3.16
N HIS A 112 -9.46 -24.30 -2.12
CA HIS A 112 -9.15 -25.70 -1.80
C HIS A 112 -9.77 -26.21 -0.49
N LEU A 113 -10.19 -25.30 0.38
CA LEU A 113 -10.69 -25.62 1.74
C LEU A 113 -12.13 -25.15 1.96
N PRO A 114 -13.09 -25.70 1.22
CA PRO A 114 -14.48 -25.22 1.32
C PRO A 114 -15.00 -25.31 2.77
N ALA A 115 -14.77 -26.44 3.44
CA ALA A 115 -15.26 -26.64 4.81
C ALA A 115 -14.55 -25.74 5.83
N GLU A 116 -13.24 -25.56 5.66
CA GLU A 116 -12.40 -24.91 6.67
C GLU A 116 -12.37 -23.37 6.60
N PHE A 117 -12.65 -22.81 5.41
CA PHE A 117 -12.45 -21.37 5.19
C PHE A 117 -13.64 -20.53 5.65
N THR A 118 -13.96 -20.59 6.95
CA THR A 118 -15.03 -19.77 7.53
C THR A 118 -14.56 -18.32 7.66
N PRO A 119 -15.46 -17.37 7.90
CA PRO A 119 -15.04 -15.99 8.12
C PRO A 119 -13.97 -15.87 9.21
N ALA A 120 -14.16 -16.53 10.35
CA ALA A 120 -13.15 -16.46 11.43
C ALA A 120 -11.79 -17.00 10.99
N VAL A 121 -11.79 -18.08 10.22
CA VAL A 121 -10.55 -18.69 9.78
C VAL A 121 -9.86 -17.84 8.69
N HIS A 122 -10.64 -17.30 7.77
CA HIS A 122 -10.21 -16.32 6.79
C HIS A 122 -9.48 -15.17 7.52
N ALA A 123 -10.10 -14.65 8.59
CA ALA A 123 -9.49 -13.58 9.35
C ALA A 123 -8.15 -14.02 9.98
N SER A 124 -8.13 -15.20 10.58
CA SER A 124 -6.89 -15.69 11.22
C SER A 124 -5.78 -15.94 10.21
N LEU A 125 -6.13 -16.54 9.06
CA LEU A 125 -5.13 -16.79 8.01
C LEU A 125 -4.57 -15.48 7.46
N ASP A 126 -5.44 -14.50 7.25
CA ASP A 126 -4.96 -13.22 6.77
C ASP A 126 -4.01 -12.57 7.79
N LYS A 127 -4.34 -12.61 9.07
CA LYS A 127 -3.42 -12.13 10.12
C LYS A 127 -2.08 -12.87 10.11
N PHE A 128 -2.13 -14.18 10.00
CA PHE A 128 -0.91 -15.00 9.92
C PHE A 128 -0.03 -14.61 8.72
N LEU A 129 -0.60 -14.50 7.52
CA LEU A 129 0.16 -14.12 6.35
C LEU A 129 0.76 -12.73 6.50
N ALA A 130 0.04 -11.81 7.13
CA ALA A 130 0.58 -10.46 7.37
C ALA A 130 1.73 -10.52 8.37
N SER A 131 1.63 -11.39 9.36
CA SER A 131 2.69 -11.54 10.35
C SER A 131 3.95 -12.15 9.71
N VAL A 132 3.77 -13.18 8.90
CA VAL A 132 4.88 -13.74 8.13
C VAL A 132 5.54 -12.64 7.27
N SER A 133 4.72 -11.89 6.52
CA SER A 133 5.26 -10.81 5.67
C SER A 133 6.02 -9.75 6.49
N THR A 134 5.47 -9.39 7.66
CA THR A 134 6.15 -8.46 8.59
C THR A 134 7.53 -8.97 8.99
N VAL A 135 7.59 -10.24 9.39
CA VAL A 135 8.87 -10.85 9.76
C VAL A 135 9.83 -10.86 8.55
N LEU A 136 9.33 -11.22 7.37
CA LEU A 136 10.19 -11.29 6.19
C LEU A 136 10.70 -9.94 5.71
N THR A 137 10.07 -8.84 6.14
CA THR A 137 10.54 -7.51 5.77
C THR A 137 11.18 -6.76 6.95
N SER A 138 11.31 -7.44 8.09
CA SER A 138 11.76 -6.76 9.33
C SER A 138 13.23 -6.31 9.30
N LYS A 139 14.01 -6.83 8.36
CA LYS A 139 15.42 -6.48 8.29
C LYS A 139 15.74 -5.53 7.13
N TYR A 140 14.71 -5.01 6.46
CA TYR A 140 14.91 -4.28 5.22
C TYR A 140 15.69 -2.98 5.41
N ARG A 141 15.50 -2.31 6.54
CA ARG A 141 16.24 -1.08 6.82
C ARG A 141 16.35 -0.81 8.32
N HIS B 2 -8.78 -2.85 -18.76
CA HIS B 2 -8.82 -3.57 -20.07
C HIS B 2 -8.71 -5.09 -19.93
N LEU B 3 -9.86 -5.74 -19.88
CA LEU B 3 -9.95 -7.19 -19.96
C LEU B 3 -9.78 -7.58 -21.42
N THR B 4 -9.11 -8.71 -21.66
CA THR B 4 -9.09 -9.31 -22.99
C THR B 4 -10.48 -9.89 -23.26
N PRO B 5 -10.79 -10.16 -24.52
CA PRO B 5 -12.06 -10.81 -24.87
C PRO B 5 -12.24 -12.19 -24.23
N GLU B 6 -11.15 -12.97 -24.08
CA GLU B 6 -11.22 -14.24 -23.34
C GLU B 6 -11.60 -13.99 -21.88
N GLU B 7 -11.03 -12.93 -21.30
CA GLU B 7 -11.30 -12.57 -19.91
C GLU B 7 -12.74 -12.11 -19.72
N LYS B 8 -13.23 -11.29 -20.64
CA LYS B 8 -14.61 -10.80 -20.59
C LYS B 8 -15.61 -11.97 -20.59
N SER B 9 -15.40 -12.95 -21.45
CA SER B 9 -16.30 -14.10 -21.54
C SER B 9 -16.24 -14.97 -20.28
N ALA B 10 -15.04 -15.11 -19.72
CA ALA B 10 -14.86 -15.88 -18.47
C ALA B 10 -15.59 -15.26 -17.29
N VAL B 11 -15.53 -13.94 -17.18
CA VAL B 11 -16.16 -13.20 -16.10
C VAL B 11 -17.67 -13.41 -16.19
N THR B 12 -18.20 -13.22 -17.39
CA THR B 12 -19.64 -13.38 -17.63
C THR B 12 -20.13 -14.79 -17.32
N ALA B 13 -19.39 -15.78 -17.81
CA ALA B 13 -19.72 -17.18 -17.57
C ALA B 13 -19.86 -17.50 -16.09
N LEU B 14 -18.84 -17.09 -15.30
CA LEU B 14 -18.83 -17.42 -13.88
C LEU B 14 -19.93 -16.67 -13.16
N TRP B 15 -20.12 -15.40 -13.55
CA TRP B 15 -21.08 -14.55 -12.85
C TRP B 15 -22.50 -15.04 -12.97
N GLY B 16 -22.82 -15.66 -14.10
CA GLY B 16 -24.16 -16.26 -14.28
C GLY B 16 -24.51 -17.32 -13.24
N LYS B 17 -23.49 -17.91 -12.61
CA LYS B 17 -23.69 -18.96 -11.62
C LYS B 17 -23.76 -18.41 -10.19
N VAL B 18 -23.56 -17.10 -10.07
CA VAL B 18 -23.53 -16.44 -8.76
C VAL B 18 -24.94 -16.13 -8.27
N ASN B 19 -25.22 -16.53 -7.04
CA ASN B 19 -26.36 -16.01 -6.32
C ASN B 19 -25.96 -14.65 -5.76
N VAL B 20 -26.28 -13.58 -6.50
CA VAL B 20 -25.79 -12.24 -6.18
C VAL B 20 -26.23 -11.80 -4.76
N ASP B 21 -27.50 -12.04 -4.42
CA ASP B 21 -27.97 -11.79 -3.06
C ASP B 21 -27.07 -12.39 -1.99
N GLU B 22 -26.89 -13.72 -2.02
CA GLU B 22 -26.14 -14.44 -0.99
C GLU B 22 -24.67 -14.04 -0.93
N VAL B 23 -24.03 -14.03 -2.09
CA VAL B 23 -22.62 -13.70 -2.20
C VAL B 23 -22.34 -12.28 -1.70
N GLY B 24 -23.28 -11.35 -1.93
CA GLY B 24 -23.16 -9.98 -1.45
C GLY B 24 -23.11 -9.88 0.07
N GLY B 25 -23.97 -10.63 0.73
CA GLY B 25 -23.99 -10.63 2.19
C GLY B 25 -22.73 -11.27 2.74
N GLU B 26 -22.27 -12.30 2.05
CA GLU B 26 -21.07 -13.01 2.47
C GLU B 26 -19.83 -12.12 2.35
N ALA B 27 -19.70 -11.40 1.23
CA ALA B 27 -18.54 -10.54 1.02
C ALA B 27 -18.54 -9.36 1.99
N LEU B 28 -19.70 -8.74 2.19
CA LEU B 28 -19.79 -7.60 3.10
C LEU B 28 -19.53 -8.07 4.54
N GLY B 29 -20.10 -9.22 4.90
CA GLY B 29 -19.87 -9.80 6.22
C GLY B 29 -18.40 -10.11 6.46
N ARG B 30 -17.76 -10.78 5.51
CA ARG B 30 -16.33 -11.06 5.67
C ARG B 30 -15.47 -9.79 5.72
N LEU B 31 -15.82 -8.78 4.93
CA LEU B 31 -15.12 -7.49 5.04
C LEU B 31 -15.13 -7.01 6.51
N LEU B 32 -16.30 -7.08 7.13
CA LEU B 32 -16.45 -6.56 8.50
C LEU B 32 -15.74 -7.44 9.55
N VAL B 33 -15.61 -8.73 9.24
CA VAL B 33 -14.94 -9.67 10.14
C VAL B 33 -13.42 -9.59 9.98
N VAL B 34 -12.95 -9.62 8.74
CA VAL B 34 -11.52 -9.72 8.45
C VAL B 34 -10.83 -8.37 8.68
N TYR B 35 -11.52 -7.27 8.39
CA TYR B 35 -10.96 -5.93 8.59
C TYR B 35 -11.94 -5.15 9.49
N PRO B 36 -11.94 -5.44 10.79
CA PRO B 36 -13.02 -4.96 11.66
C PRO B 36 -13.15 -3.43 11.79
N TRP B 37 -12.10 -2.69 11.49
CA TRP B 37 -12.21 -1.23 11.45
C TRP B 37 -13.27 -0.73 10.46
N THR B 38 -13.60 -1.53 9.43
CA THR B 38 -14.61 -1.14 8.46
C THR B 38 -15.99 -1.07 9.07
N GLN B 39 -16.15 -1.68 10.24
CA GLN B 39 -17.41 -1.56 11.00
C GLN B 39 -17.75 -0.11 11.36
N ARG B 40 -16.79 0.81 11.28
CA ARG B 40 -17.02 2.23 11.58
C ARG B 40 -18.17 2.84 10.77
N PHE B 41 -18.40 2.32 9.56
CA PHE B 41 -19.42 2.89 8.68
C PHE B 41 -20.79 2.28 8.90
N PHE B 42 -20.85 1.28 9.78
CA PHE B 42 -22.04 0.45 9.89
C PHE B 42 -22.60 0.38 11.32
N GLU B 43 -22.48 1.50 12.03
CA GLU B 43 -23.00 1.59 13.40
C GLU B 43 -24.52 1.41 13.44
N SER B 44 -25.19 1.71 12.32
CA SER B 44 -26.66 1.59 12.21
C SER B 44 -27.11 0.17 11.90
N PHE B 45 -26.16 -0.75 11.78
CA PHE B 45 -26.49 -2.12 11.40
C PHE B 45 -26.71 -3.01 12.60
N GLY B 46 -26.49 -2.44 13.78
CA GLY B 46 -26.69 -3.17 15.01
C GLY B 46 -25.49 -4.00 15.41
N ASP B 47 -25.75 -5.24 15.79
CA ASP B 47 -24.74 -6.11 16.40
C ASP B 47 -23.73 -6.65 15.39
N LEU B 48 -22.48 -6.23 15.55
CA LEU B 48 -21.37 -6.72 14.71
C LEU B 48 -20.22 -7.18 15.62
N SER B 49 -20.56 -7.61 16.83
CA SER B 49 -19.57 -7.83 17.88
C SER B 49 -18.77 -9.13 17.77
N THR B 50 -19.29 -10.09 17.01
CA THR B 50 -18.62 -11.37 16.77
C THR B 50 -18.78 -11.77 15.29
N PRO B 51 -17.92 -12.66 14.77
CA PRO B 51 -18.12 -13.18 13.41
C PRO B 51 -19.52 -13.73 13.16
N ASP B 52 -20.02 -14.56 14.08
CA ASP B 52 -21.38 -15.09 13.94
C ASP B 52 -22.47 -14.01 13.91
N ALA B 53 -22.32 -13.00 14.77
CA ALA B 53 -23.23 -11.86 14.78
C ALA B 53 -23.19 -11.09 13.46
N VAL B 54 -21.99 -10.87 12.92
CA VAL B 54 -21.86 -10.16 11.64
C VAL B 54 -22.53 -10.95 10.51
N MET B 55 -22.16 -12.22 10.39
CA MET B 55 -22.61 -13.03 9.25
C MET B 55 -24.12 -13.25 9.28
N GLY B 56 -24.68 -13.33 10.49
CA GLY B 56 -26.13 -13.56 10.66
C GLY B 56 -27.00 -12.32 10.67
N ASN B 57 -26.38 -11.14 10.74
CA ASN B 57 -27.09 -9.87 10.83
C ASN B 57 -27.93 -9.62 9.57
N PRO B 58 -29.26 -9.46 9.73
CA PRO B 58 -30.14 -9.24 8.58
C PRO B 58 -29.82 -7.99 7.76
N LYS B 59 -29.33 -6.94 8.42
CA LYS B 59 -29.02 -5.69 7.74
C LYS B 59 -27.77 -5.85 6.88
N VAL B 60 -26.83 -6.67 7.36
CA VAL B 60 -25.63 -7.00 6.59
C VAL B 60 -26.04 -7.76 5.32
N LYS B 61 -26.88 -8.78 5.49
CA LYS B 61 -27.38 -9.54 4.34
C LYS B 61 -28.14 -8.67 3.34
N ALA B 62 -29.06 -7.86 3.84
CA ALA B 62 -29.85 -6.94 3.01
C ALA B 62 -28.97 -5.92 2.28
N HIS B 63 -28.00 -5.34 2.98
CA HIS B 63 -27.12 -4.34 2.35
C HIS B 63 -26.19 -4.99 1.34
N GLY B 64 -25.70 -6.18 1.69
CA GLY B 64 -24.84 -6.95 0.77
C GLY B 64 -25.53 -7.22 -0.55
N LYS B 65 -26.86 -7.41 -0.52
CA LYS B 65 -27.64 -7.61 -1.74
C LYS B 65 -27.57 -6.39 -2.65
N LYS B 66 -27.71 -5.21 -2.06
CA LYS B 66 -27.72 -3.94 -2.78
C LYS B 66 -26.35 -3.67 -3.39
N VAL B 67 -25.32 -3.88 -2.57
CA VAL B 67 -23.94 -3.63 -2.97
C VAL B 67 -23.57 -4.51 -4.14
N LEU B 68 -23.84 -5.79 -4.02
CA LEU B 68 -23.46 -6.68 -5.09
C LEU B 68 -24.37 -6.58 -6.30
N GLY B 69 -25.60 -6.10 -6.10
CA GLY B 69 -26.49 -5.75 -7.22
C GLY B 69 -25.87 -4.67 -8.11
N ALA B 70 -25.32 -3.63 -7.48
CA ALA B 70 -24.65 -2.55 -8.21
C ALA B 70 -23.41 -3.09 -8.91
N PHE B 71 -22.66 -3.93 -8.21
CA PHE B 71 -21.53 -4.64 -8.81
C PHE B 71 -21.92 -5.43 -10.07
N SER B 72 -22.95 -6.25 -9.93
CA SER B 72 -23.51 -7.03 -11.01
C SER B 72 -23.87 -6.16 -12.23
N ASP B 73 -24.53 -5.05 -11.97
CA ASP B 73 -24.90 -4.17 -13.07
C ASP B 73 -23.68 -3.57 -13.75
N GLY B 74 -22.62 -3.32 -12.98
CA GLY B 74 -21.36 -2.82 -13.52
C GLY B 74 -20.74 -3.75 -14.55
N LEU B 75 -21.00 -5.06 -14.40
CA LEU B 75 -20.41 -6.07 -15.28
C LEU B 75 -20.94 -6.01 -16.70
N ALA B 76 -22.06 -5.31 -16.89
CA ALA B 76 -22.62 -5.06 -18.22
C ALA B 76 -22.00 -3.84 -18.89
N HIS B 77 -21.18 -3.10 -18.14
CA HIS B 77 -20.58 -1.87 -18.64
C HIS B 77 -19.10 -1.79 -18.36
N LEU B 78 -18.38 -2.88 -18.61
CA LEU B 78 -16.96 -2.91 -18.29
C LEU B 78 -16.19 -1.83 -19.03
N ASP B 79 -16.75 -1.34 -20.14
CA ASP B 79 -16.14 -0.25 -20.92
C ASP B 79 -16.54 1.14 -20.44
N ASN B 80 -17.55 1.21 -19.58
CA ASN B 80 -17.99 2.49 -19.02
C ASN B 80 -18.39 2.36 -17.55
N LEU B 81 -17.44 1.99 -16.71
CA LEU B 81 -17.77 1.85 -15.29
C LEU B 81 -18.04 3.21 -14.64
N LYS B 82 -17.46 4.27 -15.20
CA LYS B 82 -17.69 5.61 -14.64
C LYS B 82 -19.18 5.96 -14.65
N GLY B 83 -19.88 5.67 -15.74
CA GLY B 83 -21.31 5.98 -15.82
C GLY B 83 -22.14 5.25 -14.79
N THR B 84 -21.81 3.99 -14.55
CA THR B 84 -22.55 3.15 -13.60
C THR B 84 -22.38 3.62 -12.15
N PHE B 85 -21.19 4.12 -11.81
CA PHE B 85 -20.86 4.39 -10.41
C PHE B 85 -20.75 5.86 -10.05
N ALA B 86 -21.00 6.75 -11.01
CA ALA B 86 -20.86 8.19 -10.78
C ALA B 86 -21.73 8.65 -9.62
N THR B 87 -23.01 8.28 -9.64
CA THR B 87 -23.94 8.69 -8.60
C THR B 87 -23.59 8.07 -7.24
N LEU B 88 -23.24 6.79 -7.24
CA LEU B 88 -22.80 6.13 -6.02
C LEU B 88 -21.49 6.70 -5.50
N SER B 89 -20.61 7.13 -6.42
CA SER B 89 -19.32 7.72 -6.01
C SER B 89 -19.57 8.99 -5.22
N GLU B 90 -20.43 9.87 -5.77
CA GLU B 90 -20.83 11.09 -5.07
C GLU B 90 -21.45 10.82 -3.71
N LEU B 91 -22.32 9.80 -3.62
CA LEU B 91 -22.93 9.41 -2.36
C LEU B 91 -21.90 8.94 -1.34
N HIS B 92 -20.97 8.09 -1.78
CA HIS B 92 -19.98 7.52 -0.88
C HIS B 92 -19.01 8.59 -0.38
N CYS B 93 -18.70 9.55 -1.25
CA CYS B 93 -17.88 10.69 -0.85
C CYS B 93 -18.64 11.71 0.02
N ASP B 94 -19.66 12.33 -0.57
CA ASP B 94 -20.28 13.52 0.02
C ASP B 94 -21.19 13.22 1.20
N LYS B 95 -21.95 12.13 1.11
CA LYS B 95 -22.92 11.82 2.13
C LYS B 95 -22.38 10.84 3.16
N LEU B 96 -21.67 9.82 2.69
CA LEU B 96 -21.26 8.71 3.57
C LEU B 96 -19.83 8.80 4.12
N HIS B 97 -19.00 9.63 3.51
CA HIS B 97 -17.62 9.86 3.93
C HIS B 97 -16.81 8.56 4.04
N VAL B 98 -16.92 7.72 3.00
CA VAL B 98 -16.21 6.45 3.01
C VAL B 98 -14.85 6.55 2.29
N ASP B 99 -13.77 6.30 3.03
CA ASP B 99 -12.43 6.21 2.45
C ASP B 99 -12.42 5.18 1.29
N PRO B 100 -12.13 5.59 0.05
CA PRO B 100 -12.14 4.63 -1.05
C PRO B 100 -11.13 3.48 -0.91
N GLU B 101 -10.15 3.59 -0.01
CA GLU B 101 -9.26 2.46 0.27
C GLU B 101 -10.06 1.20 0.66
N ASN B 102 -11.22 1.41 1.28
CA ASN B 102 -12.15 0.33 1.61
C ASN B 102 -12.69 -0.43 0.42
N PHE B 103 -12.80 0.25 -0.74
CA PHE B 103 -13.29 -0.41 -1.94
C PHE B 103 -12.35 -1.51 -2.41
N ARG B 104 -11.03 -1.28 -2.27
CA ARG B 104 -10.03 -2.31 -2.60
C ARG B 104 -10.21 -3.53 -1.70
N LEU B 105 -10.38 -3.28 -0.41
CA LEU B 105 -10.54 -4.37 0.55
C LEU B 105 -11.77 -5.23 0.18
N LEU B 106 -12.89 -4.59 -0.12
CA LEU B 106 -14.10 -5.31 -0.44
C LEU B 106 -13.90 -6.13 -1.72
N GLY B 107 -13.22 -5.54 -2.70
CA GLY B 107 -12.99 -6.26 -3.95
C GLY B 107 -12.20 -7.53 -3.73
N ASN B 108 -11.20 -7.47 -2.86
CA ASN B 108 -10.36 -8.64 -2.61
C ASN B 108 -11.10 -9.68 -1.78
N VAL B 109 -11.95 -9.21 -0.86
CA VAL B 109 -12.80 -10.13 -0.12
C VAL B 109 -13.75 -10.84 -1.09
N LEU B 110 -14.36 -10.08 -2.00
CA LEU B 110 -15.21 -10.68 -3.04
C LEU B 110 -14.46 -11.76 -3.84
N VAL B 111 -13.21 -11.49 -4.20
CA VAL B 111 -12.41 -12.48 -4.93
C VAL B 111 -12.23 -13.75 -4.07
N CYS B 112 -11.96 -13.56 -2.77
CA CYS B 112 -11.87 -14.70 -1.86
C CYS B 112 -13.19 -15.47 -1.79
N VAL B 113 -14.32 -14.76 -1.77
CA VAL B 113 -15.65 -15.40 -1.68
C VAL B 113 -15.94 -16.19 -2.95
N LEU B 114 -15.58 -15.61 -4.10
CA LEU B 114 -15.77 -16.33 -5.39
C LEU B 114 -14.89 -17.58 -5.42
N ALA B 115 -13.67 -17.48 -4.92
CA ALA B 115 -12.80 -18.64 -4.82
C ALA B 115 -13.40 -19.72 -3.91
N HIS B 116 -13.90 -19.28 -2.76
CA HIS B 116 -14.50 -20.20 -1.80
C HIS B 116 -15.71 -20.92 -2.40
N HIS B 117 -16.56 -20.14 -3.08
CA HIS B 117 -17.79 -20.65 -3.65
C HIS B 117 -17.58 -21.57 -4.84
N PHE B 118 -16.63 -21.22 -5.71
CA PHE B 118 -16.47 -21.93 -6.98
C PHE B 118 -15.34 -22.95 -6.99
N GLY B 119 -14.45 -22.88 -5.99
CA GLY B 119 -13.33 -23.83 -5.93
C GLY B 119 -12.45 -23.77 -7.17
N LYS B 120 -12.13 -24.95 -7.70
CA LYS B 120 -11.23 -25.07 -8.85
C LYS B 120 -11.71 -24.36 -10.09
N GLU B 121 -13.02 -24.07 -10.18
CA GLU B 121 -13.52 -23.34 -11.33
C GLU B 121 -13.02 -21.89 -11.34
N PHE B 122 -12.61 -21.41 -10.16
CA PHE B 122 -12.05 -20.05 -10.02
C PHE B 122 -10.56 -20.14 -10.30
N THR B 123 -10.25 -20.35 -11.57
CA THR B 123 -8.87 -20.67 -11.98
C THR B 123 -8.00 -19.41 -11.85
N PRO B 124 -6.67 -19.57 -11.87
CA PRO B 124 -5.79 -18.39 -11.88
C PRO B 124 -6.12 -17.36 -13.00
N PRO B 125 -6.38 -17.77 -14.26
CA PRO B 125 -6.82 -16.79 -15.26
C PRO B 125 -8.16 -16.12 -14.95
N VAL B 126 -9.11 -16.88 -14.40
CA VAL B 126 -10.41 -16.27 -14.08
C VAL B 126 -10.21 -15.25 -12.94
N GLN B 127 -9.37 -15.60 -11.97
CA GLN B 127 -9.07 -14.65 -10.89
C GLN B 127 -8.46 -13.37 -11.46
N ALA B 128 -7.49 -13.50 -12.36
CA ALA B 128 -6.84 -12.33 -12.93
C ALA B 128 -7.86 -11.41 -13.60
N ALA B 129 -8.84 -12.00 -14.28
CA ALA B 129 -9.90 -11.22 -14.91
C ALA B 129 -10.70 -10.50 -13.83
N TYR B 130 -11.09 -11.22 -12.78
CA TYR B 130 -11.85 -10.56 -11.68
C TYR B 130 -11.04 -9.52 -10.91
N GLN B 131 -9.73 -9.67 -10.83
CA GLN B 131 -8.92 -8.63 -10.18
C GLN B 131 -9.01 -7.34 -10.99
N LYS B 132 -8.98 -7.44 -12.32
CA LYS B 132 -9.14 -6.25 -13.16
C LYS B 132 -10.52 -5.65 -12.93
N VAL B 133 -11.55 -6.50 -12.84
CA VAL B 133 -12.92 -6.02 -12.57
C VAL B 133 -13.03 -5.27 -11.24
N VAL B 134 -12.58 -5.87 -10.15
CA VAL B 134 -12.76 -5.21 -8.83
C VAL B 134 -11.93 -3.94 -8.71
N ALA B 135 -10.74 -3.90 -9.32
CA ALA B 135 -9.93 -2.68 -9.36
C ALA B 135 -10.67 -1.61 -10.14
N GLY B 136 -11.26 -2.01 -11.26
CA GLY B 136 -12.04 -1.06 -12.08
C GLY B 136 -13.24 -0.50 -11.34
N VAL B 137 -13.96 -1.37 -10.64
CA VAL B 137 -15.11 -0.93 -9.83
C VAL B 137 -14.67 0.03 -8.72
N ALA B 138 -13.62 -0.33 -7.98
CA ALA B 138 -13.05 0.56 -6.96
C ALA B 138 -12.65 1.92 -7.55
N ASN B 139 -12.01 1.92 -8.70
CA ASN B 139 -11.55 3.17 -9.30
C ASN B 139 -12.75 4.03 -9.71
N ALA B 140 -13.78 3.39 -10.28
CA ALA B 140 -15.01 4.09 -10.68
C ALA B 140 -15.74 4.63 -9.47
N LEU B 141 -15.81 3.84 -8.40
CA LEU B 141 -16.50 4.30 -7.20
C LEU B 141 -15.77 5.47 -6.52
N ALA B 142 -14.47 5.61 -6.81
CA ALA B 142 -13.63 6.66 -6.23
C ALA B 142 -13.56 7.92 -7.09
N HIS B 143 -14.09 7.88 -8.31
CA HIS B 143 -13.76 8.92 -9.29
C HIS B 143 -14.39 10.29 -9.04
N LYS B 144 -15.43 10.33 -8.23
CA LYS B 144 -16.06 11.60 -7.92
C LYS B 144 -15.61 12.18 -6.57
N TYR B 145 -14.62 11.55 -5.95
CA TYR B 145 -14.08 12.08 -4.70
C TYR B 145 -13.33 13.38 -4.98
N HIS B 146 -13.31 14.25 -3.99
CA HIS B 146 -12.69 15.58 -4.13
C HIS B 146 -12.45 16.15 -2.75
N VAL C 1 13.80 -1.91 13.21
CA VAL C 1 13.95 -1.32 14.57
C VAL C 1 14.78 -0.05 14.47
N LEU C 2 14.62 0.83 15.44
CA LEU C 2 15.34 2.10 15.44
C LEU C 2 16.70 1.89 16.08
N SER C 3 17.75 2.18 15.33
CA SER C 3 19.10 2.07 15.82
C SER C 3 19.41 3.23 16.76
N PRO C 4 20.45 3.11 17.58
CA PRO C 4 20.97 4.24 18.33
C PRO C 4 21.15 5.49 17.46
N ALA C 5 21.74 5.32 16.28
CA ALA C 5 21.87 6.43 15.34
C ALA C 5 20.51 7.01 14.93
N ASP C 6 19.52 6.16 14.66
CA ASP C 6 18.16 6.62 14.35
C ASP C 6 17.61 7.47 15.47
N LYS C 7 17.71 6.96 16.69
CA LYS C 7 17.18 7.65 17.87
C LYS C 7 17.87 9.01 18.06
N THR C 8 19.20 9.02 17.92
CA THR C 8 19.98 10.27 17.94
C THR C 8 19.51 11.24 16.87
N ASN C 9 19.38 10.75 15.64
CA ASN C 9 18.89 11.55 14.52
C ASN C 9 17.50 12.15 14.75
N VAL C 10 16.56 11.32 15.21
CA VAL C 10 15.19 11.74 15.48
C VAL C 10 15.12 12.78 16.59
N LYS C 11 15.83 12.52 17.69
CA LYS C 11 15.86 13.44 18.82
C LYS C 11 16.40 14.82 18.44
N ALA C 12 17.43 14.86 17.60
CA ALA C 12 18.01 16.12 17.13
C ALA C 12 17.05 16.91 16.23
N ALA C 13 16.49 16.24 15.23
CA ALA C 13 15.59 16.87 14.27
C ALA C 13 14.31 17.34 14.95
N TRP C 14 13.69 16.45 15.72
CA TRP C 14 12.45 16.80 16.40
C TRP C 14 12.67 17.85 17.48
N GLY C 15 13.88 17.86 18.05
CA GLY C 15 14.27 18.85 19.03
C GLY C 15 14.36 20.25 18.44
N LYS C 16 14.75 20.34 17.17
CA LYS C 16 14.82 21.62 16.45
C LYS C 16 13.44 22.18 16.08
N VAL C 17 12.47 21.29 15.93
CA VAL C 17 11.07 21.65 15.72
C VAL C 17 10.59 22.46 16.90
N GLY C 18 10.77 21.91 18.10
CA GLY C 18 10.48 22.60 19.35
C GLY C 18 9.07 23.16 19.43
N ALA C 19 8.98 24.45 19.74
CA ALA C 19 7.70 25.14 19.91
C ALA C 19 6.94 25.31 18.59
N HIS C 20 7.58 24.96 17.47
CA HIS C 20 6.94 25.00 16.16
C HIS C 20 6.12 23.74 15.88
N ALA C 21 6.15 22.81 16.84
CA ALA C 21 5.46 21.52 16.73
C ALA C 21 4.02 21.61 16.23
N GLY C 22 3.20 22.39 16.91
CA GLY C 22 1.78 22.54 16.55
C GLY C 22 1.62 23.08 15.14
N GLU C 23 2.40 24.10 14.82
CA GLU C 23 2.39 24.71 13.49
C GLU C 23 2.71 23.66 12.43
N TYR C 24 3.75 22.87 12.67
CA TYR C 24 4.17 21.88 11.68
C TYR C 24 3.16 20.74 11.56
N GLY C 25 2.50 20.38 12.66
CA GLY C 25 1.45 19.37 12.60
C GLY C 25 0.29 19.84 11.74
N ALA C 26 -0.11 21.11 11.91
CA ALA C 26 -1.20 21.64 11.13
C ALA C 26 -0.81 21.72 9.65
N GLU C 27 0.42 22.14 9.38
CA GLU C 27 0.91 22.22 8.00
C GLU C 27 0.93 20.86 7.33
N ALA C 28 1.43 19.83 8.04
CA ALA C 28 1.44 18.46 7.51
C ALA C 28 0.01 17.97 7.23
N LEU C 29 -0.92 18.27 8.14
CA LEU C 29 -2.32 17.94 7.86
C LEU C 29 -2.86 18.62 6.59
N GLU C 30 -2.61 19.92 6.45
CA GLU C 30 -3.04 20.64 5.25
C GLU C 30 -2.43 20.02 3.99
N ARG C 31 -1.14 19.71 4.05
CA ARG C 31 -0.44 19.05 2.93
C ARG C 31 -1.14 17.76 2.58
N MET C 32 -1.51 16.98 3.61
CA MET C 32 -2.18 15.71 3.39
C MET C 32 -3.56 15.89 2.74
N PHE C 33 -4.37 16.81 3.27
CA PHE C 33 -5.71 17.04 2.73
C PHE C 33 -5.69 17.52 1.28
N LEU C 34 -4.68 18.31 0.91
CA LEU C 34 -4.56 18.84 -0.45
C LEU C 34 -3.95 17.83 -1.42
N SER C 35 -2.95 17.10 -0.95
CA SER C 35 -2.25 16.12 -1.80
C SER C 35 -3.03 14.82 -1.94
N PHE C 36 -3.77 14.45 -0.89
CA PHE C 36 -4.49 13.19 -0.83
C PHE C 36 -5.91 13.46 -0.31
N PRO C 37 -6.77 13.99 -1.17
CA PRO C 37 -8.10 14.43 -0.76
C PRO C 37 -8.98 13.36 -0.11
N THR C 38 -8.73 12.08 -0.38
CA THR C 38 -9.52 11.04 0.29
C THR C 38 -9.34 11.06 1.81
N THR C 39 -8.21 11.58 2.32
CA THR C 39 -7.99 11.65 3.77
C THR C 39 -9.02 12.56 4.44
N LYS C 40 -9.63 13.44 3.67
CA LYS C 40 -10.67 14.35 4.21
C LYS C 40 -11.90 13.59 4.70
N THR C 41 -12.08 12.35 4.22
CA THR C 41 -13.26 11.57 4.61
C THR C 41 -13.29 11.30 6.10
N TYR C 42 -12.15 11.44 6.77
CA TYR C 42 -12.04 11.19 8.21
C TYR C 42 -12.41 12.40 9.05
N PHE C 43 -12.61 13.54 8.38
CA PHE C 43 -12.83 14.82 9.06
C PHE C 43 -14.05 15.60 8.52
N PRO C 44 -15.20 14.94 8.33
CA PRO C 44 -16.38 15.60 7.78
C PRO C 44 -16.94 16.65 8.75
N HIS C 45 -16.61 16.49 10.03
CA HIS C 45 -17.03 17.38 11.12
C HIS C 45 -16.06 18.56 11.29
N PHE C 46 -15.02 18.58 10.47
CA PHE C 46 -14.04 19.67 10.47
C PHE C 46 -14.34 20.65 9.37
N ASP C 47 -14.05 21.92 9.65
CA ASP C 47 -13.84 22.93 8.63
C ASP C 47 -12.38 22.75 8.25
N LEU C 48 -12.13 22.41 6.99
CA LEU C 48 -10.78 22.04 6.54
C LEU C 48 -10.03 23.12 5.79
N SER C 49 -10.61 24.32 5.73
CA SER C 49 -10.00 25.47 5.07
C SER C 49 -8.70 25.90 5.72
N HIS C 50 -7.85 26.56 4.94
CA HIS C 50 -6.55 27.04 5.42
C HIS C 50 -6.75 28.01 6.58
N GLY C 51 -6.05 27.75 7.68
CA GLY C 51 -6.11 28.60 8.86
C GLY C 51 -7.09 28.15 9.94
N SER C 52 -7.91 27.15 9.65
CA SER C 52 -9.02 26.77 10.54
C SER C 52 -8.58 26.32 11.93
N ALA C 53 -9.40 26.63 12.92
CA ALA C 53 -9.09 26.34 14.33
C ALA C 53 -9.00 24.84 14.58
N GLN C 54 -9.91 24.09 13.97
CA GLN C 54 -9.95 22.65 14.18
C GLN C 54 -8.71 21.99 13.62
N VAL C 55 -8.22 22.45 12.47
CA VAL C 55 -7.00 21.89 11.90
C VAL C 55 -5.77 22.30 12.74
N LYS C 56 -5.73 23.55 13.17
CA LYS C 56 -4.64 23.99 14.05
C LYS C 56 -4.60 23.21 15.35
N GLY C 57 -5.76 23.01 15.97
CA GLY C 57 -5.88 22.29 17.23
C GLY C 57 -5.50 20.83 17.08
N HIS C 58 -5.94 20.22 15.98
CA HIS C 58 -5.61 18.83 15.72
C HIS C 58 -4.12 18.65 15.38
N GLY C 59 -3.58 19.60 14.63
CA GLY C 59 -2.15 19.61 14.33
C GLY C 59 -1.29 19.61 15.59
N LYS C 60 -1.68 20.41 16.57
CA LYS C 60 -0.95 20.45 17.84
C LYS C 60 -1.03 19.11 18.57
N LYS C 61 -2.21 18.48 18.53
CA LYS C 61 -2.41 17.17 19.19
C LYS C 61 -1.51 16.11 18.54
N VAL C 62 -1.48 16.07 17.22
CA VAL C 62 -0.64 15.10 16.49
C VAL C 62 0.84 15.30 16.81
N ALA C 63 1.27 16.55 16.76
CA ALA C 63 2.65 16.90 17.03
C ALA C 63 3.08 16.57 18.46
N ASP C 64 2.22 16.89 19.42
CA ASP C 64 2.47 16.59 20.83
C ASP C 64 2.56 15.09 21.05
N ALA C 65 1.72 14.33 20.34
CA ALA C 65 1.81 12.86 20.42
C ALA C 65 3.15 12.35 19.90
N LEU C 66 3.61 12.94 18.79
CA LEU C 66 4.94 12.65 18.27
C LEU C 66 6.05 13.00 19.27
N THR C 67 5.93 14.16 19.92
CA THR C 67 6.88 14.58 20.95
C THR C 67 6.94 13.55 22.09
N ASN C 68 5.78 13.05 22.46
CA ASN C 68 5.68 11.99 23.47
C ASN C 68 6.36 10.70 23.00
N ALA C 69 6.13 10.32 21.74
CA ALA C 69 6.77 9.13 21.18
C ALA C 69 8.29 9.28 21.19
N VAL C 70 8.79 10.46 20.83
CA VAL C 70 10.23 10.74 20.86
C VAL C 70 10.77 10.63 22.30
N ALA C 71 10.05 11.19 23.26
CA ALA C 71 10.43 11.16 24.68
C ALA C 71 10.46 9.72 25.23
N HIS C 72 9.77 8.81 24.55
CA HIS C 72 9.73 7.42 25.00
C HIS C 72 10.04 6.48 23.85
N VAL C 73 11.11 6.80 23.12
CA VAL C 73 11.46 6.10 21.87
C VAL C 73 11.80 4.61 22.06
N ASP C 74 12.27 4.26 23.25
CA ASP C 74 12.58 2.86 23.60
C ASP C 74 11.35 2.03 24.01
N ASP C 75 10.23 2.69 24.28
CA ASP C 75 9.00 1.97 24.65
C ASP C 75 7.72 2.63 24.15
N MET C 76 7.65 2.84 22.84
CA MET C 76 6.49 3.49 22.21
C MET C 76 5.16 2.74 22.34
N PRO C 77 5.14 1.42 22.24
CA PRO C 77 3.87 0.69 22.44
C PRO C 77 3.19 1.07 23.75
N ASN C 78 3.94 1.14 24.85
CA ASN C 78 3.36 1.59 26.12
C ASN C 78 3.01 3.07 26.15
N ALA C 79 3.94 3.92 25.73
CA ALA C 79 3.72 5.36 25.73
C ALA C 79 2.52 5.78 24.90
N LEU C 80 2.22 5.03 23.84
CA LEU C 80 1.14 5.39 22.92
C LEU C 80 -0.09 4.49 23.08
N SER C 81 -0.19 3.79 24.23
CA SER C 81 -1.21 2.76 24.42
C SER C 81 -2.63 3.29 24.25
N ALA C 82 -2.92 4.43 24.86
CA ALA C 82 -4.25 5.01 24.77
C ALA C 82 -4.56 5.46 23.35
N LEU C 83 -3.54 5.97 22.65
CA LEU C 83 -3.72 6.42 21.27
C LEU C 83 -3.95 5.28 20.28
N SER C 84 -3.23 4.18 20.46
CA SER C 84 -3.44 2.99 19.63
C SER C 84 -4.80 2.35 19.90
N ASP C 85 -5.24 2.36 21.16
CA ASP C 85 -6.63 1.97 21.47
C ASP C 85 -7.62 2.82 20.70
N LEU C 86 -7.41 4.14 20.74
CA LEU C 86 -8.38 5.08 20.15
C LEU C 86 -8.46 4.88 18.64
N HIS C 87 -7.31 4.74 17.99
CA HIS C 87 -7.33 4.55 16.54
C HIS C 87 -7.93 3.19 16.14
N ALA C 88 -7.60 2.13 16.89
CA ALA C 88 -8.11 0.79 16.58
C ALA C 88 -9.61 0.66 16.83
N HIS C 89 -10.10 1.24 17.92
CA HIS C 89 -11.45 0.93 18.40
C HIS C 89 -12.49 1.96 18.04
N LYS C 90 -12.05 3.19 17.80
CA LYS C 90 -12.96 4.30 17.56
C LYS C 90 -12.74 4.94 16.20
N LEU C 91 -11.57 5.55 16.01
CA LEU C 91 -11.32 6.33 14.80
C LEU C 91 -11.29 5.43 13.58
N ARG C 92 -10.58 4.31 13.69
CA ARG C 92 -10.66 3.23 12.70
C ARG C 92 -10.24 3.71 11.29
N VAL C 93 -9.17 4.49 11.26
CA VAL C 93 -8.59 5.03 10.05
C VAL C 93 -7.92 3.93 9.26
N ASP C 94 -8.22 3.82 7.96
CA ASP C 94 -7.51 2.78 7.20
C ASP C 94 -5.98 2.94 7.30
N PRO C 95 -5.25 1.85 7.57
CA PRO C 95 -3.81 1.94 7.72
C PRO C 95 -3.00 2.68 6.62
N VAL C 96 -3.48 2.68 5.38
CA VAL C 96 -2.72 3.34 4.33
C VAL C 96 -2.58 4.85 4.59
N ASN C 97 -3.55 5.43 5.27
CA ASN C 97 -3.51 6.88 5.55
C ASN C 97 -2.35 7.28 6.44
N PHE C 98 -1.86 6.35 7.25
CA PHE C 98 -0.69 6.65 8.08
C PHE C 98 0.54 6.90 7.22
N LYS C 99 0.62 6.23 6.08
CA LYS C 99 1.71 6.44 5.14
C LYS C 99 1.62 7.82 4.52
N LEU C 100 0.38 8.24 4.24
CA LEU C 100 0.12 9.55 3.64
C LEU C 100 0.55 10.66 4.61
N LEU C 101 0.11 10.56 5.86
CA LEU C 101 0.44 11.60 6.82
C LEU C 101 1.92 11.59 7.12
N SER C 102 2.50 10.39 7.26
CA SER C 102 3.94 10.26 7.48
C SER C 102 4.76 10.98 6.42
N HIS C 103 4.40 10.76 5.15
CA HIS C 103 5.08 11.45 4.06
C HIS C 103 4.91 12.96 4.19
N CYS C 104 3.69 13.41 4.51
CA CYS C 104 3.42 14.84 4.63
C CYS C 104 4.15 15.45 5.81
N LEU C 105 4.34 14.67 6.87
CA LEU C 105 5.17 15.10 8.00
C LEU C 105 6.64 15.23 7.63
N LEU C 106 7.15 14.26 6.86
CA LEU C 106 8.50 14.36 6.33
C LEU C 106 8.72 15.59 5.46
N VAL C 107 7.77 15.85 4.57
CA VAL C 107 7.83 17.00 3.66
C VAL C 107 7.87 18.29 4.47
N THR C 108 7.02 18.35 5.49
CA THR C 108 6.96 19.53 6.36
C THR C 108 8.30 19.74 7.05
N LEU C 109 8.88 18.67 7.61
CA LEU C 109 10.18 18.77 8.26
C LEU C 109 11.26 19.22 7.27
N ALA C 110 11.24 18.63 6.08
CA ALA C 110 12.19 19.01 5.05
C ALA C 110 12.10 20.50 4.74
N ALA C 111 10.88 21.02 4.68
CA ALA C 111 10.63 22.42 4.29
C ALA C 111 11.02 23.42 5.37
N HIS C 112 11.24 22.92 6.59
CA HIS C 112 11.57 23.76 7.75
C HIS C 112 12.96 23.50 8.33
N LEU C 113 13.63 22.43 7.87
CA LEU C 113 14.97 22.06 8.36
C LEU C 113 16.04 21.97 7.27
N PRO C 114 16.33 23.07 6.58
CA PRO C 114 17.36 23.05 5.52
C PRO C 114 18.69 22.43 5.98
N ALA C 115 19.07 22.66 7.24
CA ALA C 115 20.34 22.16 7.76
C ALA C 115 20.27 20.71 8.22
N GLU C 116 19.21 20.36 8.96
CA GLU C 116 19.15 19.08 9.67
C GLU C 116 18.69 17.88 8.84
N PHE C 117 17.91 18.15 7.80
CA PHE C 117 17.28 17.09 6.99
C PHE C 117 18.29 16.47 6.01
N THR C 118 19.36 15.90 6.57
CA THR C 118 20.38 15.21 5.76
C THR C 118 19.79 13.88 5.26
N PRO C 119 20.43 13.21 4.30
CA PRO C 119 19.98 11.88 3.88
C PRO C 119 19.86 10.89 5.04
N ALA C 120 20.83 10.88 5.96
CA ALA C 120 20.78 9.95 7.08
C ALA C 120 19.61 10.26 8.04
N VAL C 121 19.36 11.55 8.25
CA VAL C 121 18.29 11.98 9.16
C VAL C 121 16.91 11.73 8.52
N HIS C 122 16.83 11.96 7.21
CA HIS C 122 15.64 11.65 6.39
C HIS C 122 15.28 10.17 6.59
N ALA C 123 16.28 9.31 6.44
CA ALA C 123 16.10 7.87 6.60
C ALA C 123 15.60 7.52 8.00
N SER C 124 16.21 8.13 9.02
CA SER C 124 15.86 7.84 10.41
C SER C 124 14.46 8.34 10.76
N LEU C 125 14.12 9.54 10.31
CA LEU C 125 12.77 10.07 10.53
C LEU C 125 11.70 9.21 9.85
N ASP C 126 12.01 8.71 8.65
CA ASP C 126 11.05 7.87 7.97
C ASP C 126 10.84 6.55 8.71
N LYS C 127 11.92 5.97 9.22
CA LYS C 127 11.80 4.77 10.05
C LYS C 127 10.96 5.05 11.30
N PHE C 128 11.24 6.18 11.94
CA PHE C 128 10.49 6.59 13.13
C PHE C 128 8.99 6.73 12.86
N LEU C 129 8.63 7.42 11.77
CA LEU C 129 7.22 7.61 11.47
C LEU C 129 6.53 6.27 11.12
N ALA C 130 7.25 5.38 10.44
CA ALA C 130 6.71 4.06 10.13
C ALA C 130 6.53 3.26 11.41
N SER C 131 7.47 3.40 12.34
CA SER C 131 7.35 2.78 13.66
C SER C 131 6.13 3.27 14.46
N VAL C 132 5.95 4.59 14.51
CA VAL C 132 4.80 5.17 15.19
C VAL C 132 3.53 4.64 14.54
N SER C 133 3.48 4.67 13.21
CA SER C 133 2.33 4.19 12.46
C SER C 133 1.98 2.74 12.77
N THR C 134 3.01 1.89 12.85
CA THR C 134 2.87 0.48 13.18
C THR C 134 2.25 0.33 14.58
N VAL C 135 2.75 1.09 15.55
CA VAL C 135 2.19 1.07 16.90
C VAL C 135 0.74 1.53 16.89
N LEU C 136 0.46 2.60 16.17
CA LEU C 136 -0.91 3.12 16.12
C LEU C 136 -1.92 2.19 15.45
N THR C 137 -1.45 1.24 14.63
CA THR C 137 -2.34 0.28 13.97
C THR C 137 -2.22 -1.12 14.55
N SER C 138 -1.41 -1.25 15.60
CA SER C 138 -1.09 -2.56 16.19
C SER C 138 -2.26 -3.32 16.83
N LYS C 139 -3.35 -2.63 17.15
CA LYS C 139 -4.50 -3.23 17.81
C LYS C 139 -5.73 -3.32 16.90
N TYR C 140 -5.52 -3.08 15.60
CA TYR C 140 -6.63 -3.03 14.65
C TYR C 140 -7.41 -4.33 14.51
N ARG C 141 -6.72 -5.47 14.64
CA ARG C 141 -7.40 -6.75 14.59
C ARG C 141 -6.56 -7.82 15.28
N HIS D 2 -4.80 14.68 -13.82
CA HIS D 2 -5.09 16.05 -14.38
C HIS D 2 -4.68 17.20 -13.45
N LEU D 3 -3.75 18.03 -13.94
CA LEU D 3 -3.38 19.25 -13.26
C LEU D 3 -4.24 20.41 -13.75
N THR D 4 -4.69 21.25 -12.82
CA THR D 4 -5.44 22.46 -13.19
C THR D 4 -4.45 23.46 -13.79
N PRO D 5 -4.93 24.52 -14.46
CA PRO D 5 -4.02 25.54 -14.98
C PRO D 5 -3.14 26.19 -13.92
N GLU D 6 -3.68 26.52 -12.74
CA GLU D 6 -2.85 27.05 -11.67
C GLU D 6 -1.74 26.07 -11.27
N GLU D 7 -2.08 24.79 -11.21
CA GLU D 7 -1.12 23.72 -10.89
C GLU D 7 -0.03 23.60 -11.95
N LYS D 8 -0.42 23.59 -13.22
CA LYS D 8 0.58 23.55 -14.30
C LYS D 8 1.55 24.73 -14.20
N SER D 9 1.04 25.92 -13.89
CA SER D 9 1.85 27.11 -13.79
C SER D 9 2.82 27.02 -12.61
N ALA D 10 2.33 26.48 -11.49
CA ALA D 10 3.18 26.25 -10.32
C ALA D 10 4.30 25.24 -10.57
N VAL D 11 3.99 24.17 -11.29
CA VAL D 11 5.00 23.15 -11.61
C VAL D 11 6.11 23.72 -12.48
N THR D 12 5.71 24.41 -13.54
CA THR D 12 6.65 25.04 -14.48
C THR D 12 7.52 26.07 -13.79
N ALA D 13 6.92 26.90 -12.94
CA ALA D 13 7.67 27.98 -12.30
C ALA D 13 8.74 27.42 -11.37
N LEU D 14 8.39 26.43 -10.56
CA LEU D 14 9.37 25.84 -9.67
C LEU D 14 10.47 25.11 -10.44
N TRP D 15 10.06 24.38 -11.48
CA TRP D 15 11.03 23.59 -12.23
C TRP D 15 12.06 24.47 -12.93
N GLY D 16 11.68 25.71 -13.25
CA GLY D 16 12.62 26.69 -13.81
C GLY D 16 13.85 26.92 -12.94
N LYS D 17 13.72 26.66 -11.63
CA LYS D 17 14.79 26.90 -10.66
C LYS D 17 15.55 25.64 -10.31
N VAL D 18 15.15 24.51 -10.90
CA VAL D 18 15.74 23.21 -10.58
C VAL D 18 16.98 22.95 -11.42
N ASN D 19 18.09 22.72 -10.74
CA ASN D 19 19.24 22.14 -11.41
C ASN D 19 19.01 20.64 -11.51
N VAL D 20 18.69 20.18 -12.71
CA VAL D 20 18.16 18.82 -12.88
C VAL D 20 19.23 17.76 -12.58
N ASP D 21 20.46 18.03 -13.00
CA ASP D 21 21.58 17.16 -12.66
C ASP D 21 21.73 16.98 -11.16
N GLU D 22 21.77 18.10 -10.44
CA GLU D 22 22.01 18.07 -9.01
C GLU D 22 20.84 17.42 -8.27
N VAL D 23 19.62 17.82 -8.62
CA VAL D 23 18.43 17.31 -7.95
C VAL D 23 18.26 15.82 -8.25
N GLY D 24 18.62 15.40 -9.47
CA GLY D 24 18.53 13.99 -9.87
C GLY D 24 19.45 13.12 -9.04
N GLY D 25 20.71 13.53 -8.87
CA GLY D 25 21.65 12.79 -8.05
C GLY D 25 21.23 12.72 -6.59
N GLU D 26 20.66 13.82 -6.10
CA GLU D 26 20.20 13.90 -4.72
C GLU D 26 19.00 12.96 -4.51
N ALA D 27 18.05 12.99 -5.45
CA ALA D 27 16.84 12.14 -5.32
C ALA D 27 17.15 10.65 -5.44
N LEU D 28 17.96 10.27 -6.43
CA LEU D 28 18.36 8.86 -6.57
C LEU D 28 19.19 8.41 -5.37
N GLY D 29 20.13 9.25 -4.92
CA GLY D 29 20.91 8.94 -3.74
C GLY D 29 20.02 8.70 -2.52
N ARG D 30 19.10 9.63 -2.28
CA ARG D 30 18.20 9.50 -1.14
C ARG D 30 17.28 8.27 -1.23
N LEU D 31 16.86 7.93 -2.44
CA LEU D 31 16.10 6.70 -2.62
C LEU D 31 16.90 5.50 -2.13
N LEU D 32 18.17 5.41 -2.54
CA LEU D 32 19.03 4.28 -2.17
C LEU D 32 19.39 4.23 -0.67
N VAL D 33 19.40 5.39 -0.01
CA VAL D 33 19.66 5.49 1.42
C VAL D 33 18.43 5.16 2.28
N VAL D 34 17.29 5.76 1.91
CA VAL D 34 16.08 5.67 2.71
C VAL D 34 15.39 4.31 2.52
N TYR D 35 15.50 3.76 1.31
CA TYR D 35 14.89 2.46 0.97
C TYR D 35 15.96 1.58 0.37
N PRO D 36 16.82 1.02 1.21
CA PRO D 36 18.04 0.35 0.75
C PRO D 36 17.84 -0.81 -0.19
N TRP D 37 16.66 -1.44 -0.16
CA TRP D 37 16.39 -2.51 -1.11
C TRP D 37 16.42 -2.08 -2.58
N THR D 38 16.23 -0.79 -2.83
CA THR D 38 16.32 -0.25 -4.19
C THR D 38 17.73 -0.33 -4.77
N GLN D 39 18.71 -0.61 -3.90
CA GLN D 39 20.09 -0.80 -4.34
C GLN D 39 20.24 -2.03 -5.19
N ARG D 40 19.22 -2.90 -5.17
CA ARG D 40 19.27 -4.18 -5.88
C ARG D 40 19.59 -4.07 -7.37
N PHE D 41 19.27 -2.92 -7.97
CA PHE D 41 19.48 -2.72 -9.42
C PHE D 41 20.86 -2.17 -9.74
N PHE D 42 21.65 -1.89 -8.72
CA PHE D 42 22.86 -1.11 -8.90
C PHE D 42 24.07 -1.77 -8.25
N GLU D 43 24.11 -3.10 -8.29
CA GLU D 43 25.22 -3.84 -7.70
C GLU D 43 26.57 -3.49 -8.36
N SER D 44 26.53 -2.99 -9.59
CA SER D 44 27.74 -2.62 -10.31
C SER D 44 28.26 -1.22 -9.96
N PHE D 45 27.53 -0.50 -9.12
CA PHE D 45 27.87 0.88 -8.76
C PHE D 45 28.96 0.99 -7.69
N GLY D 46 29.32 -0.14 -7.08
CA GLY D 46 30.34 -0.13 -6.02
C GLY D 46 29.71 -0.14 -4.64
N ASP D 47 30.41 0.43 -3.67
CA ASP D 47 29.91 0.41 -2.30
C ASP D 47 28.82 1.44 -2.02
N LEU D 48 27.66 0.93 -1.62
CA LEU D 48 26.51 1.76 -1.30
C LEU D 48 26.08 1.59 0.15
N SER D 49 27.04 1.27 1.03
CA SER D 49 26.72 0.81 2.39
C SER D 49 26.54 1.91 3.44
N THR D 50 26.87 3.17 3.11
CA THR D 50 26.61 4.29 4.02
C THR D 50 25.99 5.44 3.24
N PRO D 51 25.21 6.29 3.91
CA PRO D 51 24.69 7.49 3.27
C PRO D 51 25.74 8.29 2.52
N ASP D 52 26.90 8.56 3.12
CA ASP D 52 27.90 9.40 2.46
C ASP D 52 28.46 8.74 1.19
N ALA D 53 28.68 7.43 1.26
CA ALA D 53 29.14 6.65 0.12
C ALA D 53 28.14 6.71 -1.04
N VAL D 54 26.87 6.46 -0.72
CA VAL D 54 25.81 6.51 -1.73
C VAL D 54 25.76 7.90 -2.36
N MET D 55 25.69 8.93 -1.53
CA MET D 55 25.47 10.30 -2.00
C MET D 55 26.62 10.84 -2.85
N GLY D 56 27.85 10.46 -2.51
CA GLY D 56 29.03 10.92 -3.25
C GLY D 56 29.43 10.04 -4.43
N ASN D 57 28.76 8.90 -4.58
CA ASN D 57 29.06 7.91 -5.62
C ASN D 57 28.84 8.48 -7.02
N PRO D 58 29.88 8.52 -7.85
CA PRO D 58 29.76 9.10 -9.18
C PRO D 58 28.71 8.44 -10.07
N LYS D 59 28.53 7.13 -9.91
CA LYS D 59 27.58 6.38 -10.72
C LYS D 59 26.14 6.70 -10.31
N VAL D 60 25.91 6.89 -9.00
CA VAL D 60 24.60 7.35 -8.48
C VAL D 60 24.29 8.74 -9.02
N LYS D 61 25.28 9.64 -8.98
CA LYS D 61 25.08 10.99 -9.51
C LYS D 61 24.79 10.97 -11.00
N ALA D 62 25.54 10.17 -11.76
CA ALA D 62 25.36 10.08 -13.20
C ALA D 62 23.99 9.51 -13.55
N HIS D 63 23.58 8.47 -12.84
CA HIS D 63 22.28 7.87 -13.12
C HIS D 63 21.12 8.75 -12.69
N GLY D 64 21.26 9.41 -11.55
CA GLY D 64 20.26 10.38 -11.13
C GLY D 64 20.08 11.48 -12.17
N LYS D 65 21.19 11.95 -12.74
CA LYS D 65 21.13 12.93 -13.80
C LYS D 65 20.32 12.43 -15.01
N LYS D 66 20.56 11.18 -15.41
CA LYS D 66 19.87 10.56 -16.55
C LYS D 66 18.37 10.39 -16.30
N VAL D 67 18.05 9.85 -15.12
CA VAL D 67 16.66 9.60 -14.71
C VAL D 67 15.87 10.91 -14.64
N LEU D 68 16.42 11.92 -13.96
CA LEU D 68 15.70 13.17 -13.80
C LEU D 68 15.69 14.01 -15.08
N GLY D 69 16.65 13.76 -15.97
CA GLY D 69 16.63 14.36 -17.31
C GLY D 69 15.39 13.89 -18.07
N ALA D 70 15.13 12.59 -18.04
CA ALA D 70 13.93 12.05 -18.67
C ALA D 70 12.65 12.57 -18.01
N PHE D 71 12.67 12.63 -16.68
CA PHE D 71 11.55 13.19 -15.94
C PHE D 71 11.29 14.64 -16.39
N SER D 72 12.36 15.41 -16.46
CA SER D 72 12.29 16.80 -16.85
C SER D 72 11.68 16.99 -18.25
N ASP D 73 12.12 16.19 -19.22
CA ASP D 73 11.60 16.26 -20.57
C ASP D 73 10.10 15.99 -20.58
N GLY D 74 9.65 15.07 -19.71
CA GLY D 74 8.24 14.74 -19.59
C GLY D 74 7.34 15.86 -19.09
N LEU D 75 7.91 16.80 -18.34
CA LEU D 75 7.15 17.96 -17.81
C LEU D 75 6.64 18.87 -18.92
N ALA D 76 7.24 18.73 -20.10
CA ALA D 76 6.75 19.44 -21.28
C ALA D 76 5.57 18.74 -21.93
N HIS D 77 5.19 17.58 -21.40
CA HIS D 77 4.15 16.79 -22.02
C HIS D 77 3.19 16.20 -21.01
N LEU D 78 2.69 17.04 -20.12
CA LEU D 78 1.85 16.59 -19.01
C LEU D 78 0.52 15.99 -19.46
N ASP D 79 0.06 16.34 -20.65
CA ASP D 79 -1.18 15.73 -21.13
C ASP D 79 -0.96 14.50 -22.00
N ASN D 80 0.28 14.04 -22.10
CA ASN D 80 0.56 12.78 -22.76
C ASN D 80 1.76 12.07 -22.15
N LEU D 81 1.70 11.83 -20.84
CA LEU D 81 2.79 11.13 -20.18
C LEU D 81 2.90 9.68 -20.65
N LYS D 82 1.76 9.07 -20.96
CA LYS D 82 1.76 7.70 -21.43
C LYS D 82 2.55 7.55 -22.73
N GLY D 83 2.25 8.39 -23.71
CA GLY D 83 3.01 8.33 -24.98
C GLY D 83 4.47 8.66 -24.74
N THR D 84 4.73 9.68 -23.93
CA THR D 84 6.08 10.16 -23.69
C THR D 84 6.97 9.06 -23.11
N PHE D 85 6.41 8.28 -22.18
CA PHE D 85 7.19 7.32 -21.45
C PHE D 85 6.97 5.87 -21.89
N ALA D 86 6.22 5.68 -22.99
CA ALA D 86 5.91 4.31 -23.42
C ALA D 86 7.15 3.48 -23.75
N THR D 87 8.10 4.06 -24.48
CA THR D 87 9.30 3.33 -24.82
C THR D 87 10.12 2.99 -23.58
N LEU D 88 10.26 3.95 -22.66
CA LEU D 88 10.97 3.69 -21.40
C LEU D 88 10.22 2.70 -20.47
N SER D 89 8.89 2.73 -20.54
CA SER D 89 8.09 1.77 -19.79
C SER D 89 8.40 0.34 -20.22
N GLU D 90 8.31 0.11 -21.54
CA GLU D 90 8.63 -1.20 -22.11
C GLU D 90 10.05 -1.63 -21.78
N LEU D 91 10.99 -0.69 -21.81
CA LEU D 91 12.37 -1.00 -21.44
C LEU D 91 12.51 -1.41 -19.96
N HIS D 92 11.90 -0.64 -19.08
CA HIS D 92 12.05 -0.91 -17.66
C HIS D 92 11.43 -2.25 -17.29
N CYS D 93 10.36 -2.63 -18.00
CA CYS D 93 9.76 -3.95 -17.82
C CYS D 93 10.61 -5.05 -18.44
N ASP D 94 10.83 -4.95 -19.75
CA ASP D 94 11.40 -6.06 -20.53
C ASP D 94 12.90 -6.29 -20.40
N LYS D 95 13.66 -5.22 -20.27
CA LYS D 95 15.11 -5.34 -20.18
C LYS D 95 15.63 -5.18 -18.77
N LEU D 96 15.06 -4.22 -18.01
CA LEU D 96 15.64 -3.83 -16.72
C LEU D 96 14.97 -4.53 -15.53
N HIS D 97 13.76 -5.05 -15.76
CA HIS D 97 12.99 -5.77 -14.72
C HIS D 97 12.83 -4.97 -13.44
N VAL D 98 12.40 -3.73 -13.56
CA VAL D 98 12.29 -2.85 -12.40
C VAL D 98 10.84 -2.80 -11.97
N ASP D 99 10.57 -3.24 -10.75
CA ASP D 99 9.22 -3.16 -10.18
C ASP D 99 8.76 -1.70 -10.18
N PRO D 100 7.60 -1.38 -10.78
CA PRO D 100 7.16 0.02 -10.81
C PRO D 100 6.96 0.68 -9.44
N GLU D 101 6.85 -0.10 -8.38
CA GLU D 101 6.80 0.51 -7.03
C GLU D 101 7.99 1.45 -6.84
N ASN D 102 9.13 1.10 -7.43
CA ASN D 102 10.30 1.98 -7.39
C ASN D 102 10.08 3.39 -7.92
N PHE D 103 9.26 3.52 -8.97
CA PHE D 103 8.95 4.84 -9.53
C PHE D 103 8.13 5.66 -8.54
N ARG D 104 7.25 5.01 -7.79
CA ARG D 104 6.45 5.69 -6.77
C ARG D 104 7.33 6.15 -5.61
N LEU D 105 8.18 5.25 -5.11
CA LEU D 105 9.15 5.65 -4.05
C LEU D 105 10.02 6.82 -4.50
N LEU D 106 10.57 6.74 -5.70
CA LEU D 106 11.42 7.84 -6.20
C LEU D 106 10.64 9.15 -6.29
N GLY D 107 9.39 9.07 -6.71
CA GLY D 107 8.58 10.26 -6.84
C GLY D 107 8.43 10.96 -5.49
N ASN D 108 8.19 10.19 -4.43
CA ASN D 108 8.01 10.81 -3.12
C ASN D 108 9.32 11.34 -2.56
N VAL D 109 10.41 10.65 -2.88
CA VAL D 109 11.74 11.17 -2.50
C VAL D 109 11.99 12.51 -3.19
N LEU D 110 11.65 12.60 -4.48
CA LEU D 110 11.81 13.86 -5.21
C LEU D 110 11.01 15.00 -4.54
N VAL D 111 9.80 14.71 -4.09
CA VAL D 111 8.97 15.69 -3.41
C VAL D 111 9.70 16.15 -2.15
N CYS D 112 10.27 15.21 -1.40
CA CYS D 112 11.06 15.56 -0.20
C CYS D 112 12.25 16.45 -0.56
N VAL D 113 12.92 16.13 -1.66
CA VAL D 113 14.13 16.86 -2.07
C VAL D 113 13.75 18.28 -2.48
N LEU D 114 12.64 18.43 -3.21
CA LEU D 114 12.13 19.77 -3.58
C LEU D 114 11.76 20.60 -2.34
N ALA D 115 11.14 19.96 -1.37
CA ALA D 115 10.76 20.63 -0.12
C ALA D 115 12.01 21.08 0.62
N HIS D 116 13.02 20.21 0.64
CA HIS D 116 14.27 20.48 1.35
C HIS D 116 15.02 21.65 0.70
N HIS D 117 15.03 21.67 -0.62
CA HIS D 117 15.82 22.65 -1.35
C HIS D 117 15.12 24.01 -1.37
N PHE D 118 13.79 24.00 -1.57
CA PHE D 118 13.03 25.24 -1.75
C PHE D 118 12.36 25.82 -0.52
N GLY D 119 12.20 25.02 0.53
CA GLY D 119 11.61 25.46 1.81
C GLY D 119 10.20 25.97 1.66
N LYS D 120 9.96 27.17 2.22
CA LYS D 120 8.63 27.76 2.28
C LYS D 120 7.93 27.88 0.93
N GLU D 121 8.72 28.07 -0.13
CA GLU D 121 8.19 28.23 -1.48
C GLU D 121 7.45 26.97 -1.95
N PHE D 122 7.86 25.82 -1.42
CA PHE D 122 7.21 24.55 -1.70
C PHE D 122 5.97 24.41 -0.83
N THR D 123 4.96 25.21 -1.16
CA THR D 123 3.75 25.35 -0.37
C THR D 123 2.91 24.08 -0.46
N PRO D 124 1.91 23.90 0.41
CA PRO D 124 1.02 22.76 0.30
C PRO D 124 0.36 22.63 -1.09
N PRO D 125 -0.16 23.70 -1.71
CA PRO D 125 -0.68 23.59 -3.10
C PRO D 125 0.38 23.19 -4.16
N VAL D 126 1.61 23.68 -4.01
CA VAL D 126 2.69 23.34 -4.95
C VAL D 126 3.03 21.86 -4.78
N GLN D 127 3.08 21.39 -3.52
CA GLN D 127 3.26 19.96 -3.27
C GLN D 127 2.16 19.14 -3.96
N ALA D 128 0.91 19.55 -3.80
CA ALA D 128 -0.20 18.78 -4.35
C ALA D 128 -0.05 18.66 -5.87
N ALA D 129 0.35 19.74 -6.52
CA ALA D 129 0.63 19.71 -7.96
C ALA D 129 1.73 18.70 -8.29
N TYR D 130 2.84 18.74 -7.55
CA TYR D 130 3.93 17.80 -7.80
C TYR D 130 3.56 16.36 -7.48
N GLN D 131 2.69 16.15 -6.49
CA GLN D 131 2.21 14.78 -6.23
C GLN D 131 1.45 14.22 -7.44
N LYS D 132 0.60 15.05 -8.08
CA LYS D 132 -0.05 14.64 -9.34
C LYS D 132 0.98 14.33 -10.42
N VAL D 133 2.02 15.17 -10.55
CA VAL D 133 3.06 14.93 -11.57
C VAL D 133 3.77 13.59 -11.32
N VAL D 134 4.26 13.37 -10.10
CA VAL D 134 5.03 12.15 -9.87
C VAL D 134 4.21 10.87 -9.98
N ALA D 135 2.94 10.94 -9.62
CA ALA D 135 2.04 9.81 -9.80
C ALA D 135 1.81 9.58 -11.27
N GLY D 136 1.68 10.67 -12.03
CA GLY D 136 1.43 10.54 -13.46
C GLY D 136 2.61 9.92 -14.17
N VAL D 137 3.82 10.33 -13.78
CA VAL D 137 5.02 9.74 -14.37
C VAL D 137 5.16 8.28 -14.00
N ALA D 138 4.96 7.94 -12.73
CA ALA D 138 5.01 6.54 -12.30
C ALA D 138 3.99 5.70 -13.06
N ASN D 139 2.75 6.20 -13.18
CA ASN D 139 1.72 5.44 -13.88
C ASN D 139 2.11 5.27 -15.35
N ALA D 140 2.69 6.30 -15.95
CA ALA D 140 3.11 6.22 -17.36
C ALA D 140 4.23 5.20 -17.53
N LEU D 141 5.21 5.22 -16.63
CA LEU D 141 6.30 4.26 -16.66
C LEU D 141 5.86 2.81 -16.40
N ALA D 142 4.75 2.66 -15.67
CA ALA D 142 4.20 1.37 -15.32
C ALA D 142 3.29 0.82 -16.42
N HIS D 143 2.87 1.67 -17.33
CA HIS D 143 1.72 1.34 -18.18
C HIS D 143 1.94 0.19 -19.17
N LYS D 144 3.17 0.03 -19.64
CA LYS D 144 3.47 -1.02 -20.60
C LYS D 144 3.93 -2.35 -19.98
N TYR D 145 3.90 -2.43 -18.65
CA TYR D 145 4.23 -3.67 -17.96
C TYR D 145 3.21 -4.76 -18.28
N HIS D 146 3.70 -5.99 -18.34
CA HIS D 146 2.88 -7.12 -18.76
C HIS D 146 3.51 -8.37 -18.22
CHA HEM E . 13.15 -17.20 -2.65
CHB HEM E . 9.79 -17.78 0.84
CHC HEM E . 7.43 -13.84 -0.70
CHD HEM E . 10.57 -13.39 -4.37
C1A HEM E . 12.43 -17.73 -1.60
C2A HEM E . 12.67 -19.00 -0.95
C3A HEM E . 11.75 -19.15 0.01
C4A HEM E . 10.86 -17.99 -0.01
CMA HEM E . 11.60 -20.35 0.96
CAA HEM E . 13.82 -19.98 -1.31
CBA HEM E . 15.07 -19.55 -0.54
CGA HEM E . 16.18 -20.54 -0.74
O1A HEM E . 16.64 -21.09 0.28
O2A HEM E . 16.61 -20.76 -1.91
C1B HEM E . 8.87 -16.76 0.76
C2B HEM E . 7.76 -16.54 1.67
C3B HEM E . 7.08 -15.46 1.22
C4B HEM E . 7.80 -14.94 0.07
CMB HEM E . 7.37 -17.47 2.85
CAB HEM E . 5.80 -14.83 1.82
CBB HEM E . 4.77 -15.62 2.14
C1C HEM E . 8.05 -13.40 -1.84
C2C HEM E . 7.64 -12.26 -2.63
C3C HEM E . 8.49 -12.16 -3.66
C4C HEM E . 9.50 -13.20 -3.53
CMC HEM E . 6.37 -11.42 -2.31
CAC HEM E . 8.43 -11.12 -4.77
CBC HEM E . 7.33 -11.13 -5.55
C1D HEM E . 11.52 -14.40 -4.26
C2D HEM E . 12.54 -14.64 -5.25
C3D HEM E . 13.35 -15.82 -4.73
C4D HEM E . 12.74 -16.17 -3.48
CMD HEM E . 12.79 -13.88 -6.56
CAD HEM E . 14.56 -16.51 -5.40
CBD HEM E . 14.01 -17.58 -6.35
CGD HEM E . 15.10 -18.27 -7.14
O1D HEM E . 15.09 -19.52 -7.18
O2D HEM E . 15.92 -17.57 -7.78
NA HEM E . 11.32 -17.15 -1.00
NB HEM E . 8.89 -15.74 -0.21
NC HEM E . 9.22 -13.93 -2.39
ND HEM E . 11.66 -15.31 -3.22
FE HEM E . 10.45 -15.36 -1.52
C1 L35 F . 4.20 5.69 0.96
C2 L35 F . 3.92 7.05 0.90
C3 L35 F . 2.71 7.48 0.39
C4 L35 F . 1.75 6.59 -0.08
C5 L35 F . 2.03 5.25 -0.01
C6 L35 F . 3.24 4.78 0.50
C7 L35 F . 5.90 4.07 1.66
C8 L35 F . 8.44 0.29 3.69
C9 L35 F . 8.13 0.45 2.35
C10 L35 F . 7.70 1.68 1.84
C11 L35 F . 7.56 2.78 2.71
C12 L35 F . 7.87 2.61 4.06
C13 L35 F . 8.31 1.38 4.55
C14 L35 F . 9.40 -1.37 5.34
C15 L35 F . 10.78 -0.76 5.55
C16 L35 F . 9.49 -2.89 5.31
C17 L35 F . 8.40 -1.00 6.42
N1 L35 F . 5.41 5.31 1.48
N2 L35 F . 7.09 3.98 2.25
O1 L35 F . 5.26 3.07 1.36
O2 L35 F . 8.85 -0.97 4.07
O3 L35 F . 7.18 -1.17 6.17
O4 L35 F . 8.80 -0.52 7.51
CL1 L35 F . 0.79 4.13 -0.62
CL2 L35 F . 2.34 9.21 0.30
CHA HEM G . -24.45 2.30 0.43
CHB HEM G . -22.58 0.17 -3.45
CHC HEM G . -18.39 -0.51 -1.15
CHD HEM G . -20.10 1.87 2.69
C1A HEM G . -24.34 1.72 -0.80
C2A HEM G . -25.43 1.44 -1.72
C3A HEM G . -24.92 0.85 -2.81
C4A HEM G . -23.50 0.70 -2.59
CMA HEM G . -25.70 0.38 -4.06
CAA HEM G . -26.92 1.82 -1.50
CBA HEM G . -27.05 3.28 -1.93
CGA HEM G . -28.49 3.71 -2.11
O1A HEM G . -28.71 4.89 -2.48
O2A HEM G . -29.42 2.89 -1.87
C1B HEM G . -21.28 -0.16 -3.17
C2B HEM G . -20.36 -0.79 -4.11
C3B HEM G . -19.19 -1.00 -3.49
C4B HEM G . -19.33 -0.47 -2.14
CMB HEM G . -20.71 -1.19 -5.56
CAB HEM G . -17.93 -1.64 -4.10
CBB HEM G . -16.69 -1.18 -3.86
C1C HEM G . -18.50 0.03 0.09
C2C HEM G . -17.56 -0.16 1.16
C3C HEM G . -17.96 0.61 2.20
C4C HEM G . -19.28 1.15 1.85
CMC HEM G . -16.17 -0.80 0.92
CAC HEM G . -17.26 0.81 3.54
CBC HEM G . -16.62 -0.19 4.18
C1D HEM G . -21.44 2.14 2.47
C2D HEM G . -22.35 2.66 3.48
C3D HEM G . -23.69 2.80 2.77
C4D HEM G . -23.48 2.35 1.42
CMD HEM G . -22.01 3.01 4.94
CAD HEM G . -25.01 3.30 3.41
CBD HEM G . -25.59 2.14 4.22
CGD HEM G . -26.75 2.66 5.02
O1D HEM G . -27.84 2.85 4.44
O2D HEM G . -26.57 2.90 6.24
NA HEM G . -23.18 1.25 -1.35
NB HEM G . -20.61 0.03 -1.98
NC HEM G . -19.58 0.76 0.57
ND HEM G . -22.14 1.97 1.29
FE HEM G . -21.35 1.12 -0.41
CHA HEM H . -7.25 11.98 16.75
CHB HEM H . -2.47 11.27 16.77
CHC HEM H . -2.61 9.73 12.22
CHD HEM H . -7.38 10.66 12.03
C1A HEM H . -5.93 11.99 17.16
C2A HEM H . -5.38 12.53 18.39
C3A HEM H . -4.07 12.34 18.39
C4A HEM H . -3.73 11.65 17.15
CMA HEM H . -3.06 12.75 19.51
CAA HEM H . -6.20 13.20 19.52
CBA HEM H . -6.56 12.05 20.47
CGA HEM H . -7.47 12.42 21.61
O1A HEM H . -7.27 11.84 22.72
O2A HEM H . -8.41 13.24 21.43
C1B HEM H . -2.08 10.76 15.56
C2B HEM H . -0.74 10.36 15.23
C3B HEM H . -0.77 9.96 13.94
C4B HEM H . -2.14 10.03 13.48
CMB HEM H . 0.49 10.50 16.14
CAB HEM H . 0.40 9.44 13.06
CBB HEM H . 1.59 10.04 12.96
C1C HEM H . -3.90 9.88 11.76
C2C HEM H . -4.39 9.50 10.45
C3C HEM H . -5.68 9.84 10.37
C4C HEM H . -6.09 10.30 11.68
CMC HEM H . -3.46 9.06 9.30
CAC HEM H . -6.60 9.71 9.14
CBC HEM H . -6.27 10.40 8.02
C1D HEM H . -7.78 11.12 13.26
C2D HEM H . -9.12 11.62 13.54
C3D HEM H . -9.07 12.02 15.01
C4D HEM H . -7.73 11.75 15.47
CMD HEM H . -10.34 11.71 12.59
CAD HEM H . -10.23 12.66 15.81
CBD HEM H . -10.16 14.14 15.43
CGD HEM H . -11.22 14.96 16.12
O1D HEM H . -10.86 16.01 16.72
O2D HEM H . -12.40 14.59 16.04
NA HEM H . -4.89 11.46 16.43
NB HEM H . -2.93 10.53 14.50
NC HEM H . -4.99 10.30 12.51
ND HEM H . -6.99 11.21 14.41
FE HEM H . -5.02 10.46 14.61
C1 L35 I . -3.80 -5.89 0.02
C2 L35 I . -3.18 -4.68 -0.32
C3 L35 I . -2.75 -4.48 -1.63
C4 L35 I . -2.94 -5.41 -2.62
C5 L35 I . -3.56 -6.60 -2.24
C6 L35 I . -4.00 -6.86 -0.95
C7 L35 I . -4.16 -5.42 2.39
C8 L35 I . -3.98 -4.23 7.20
C9 L35 I . -4.56 -3.49 6.17
C10 L35 I . -4.81 -4.08 4.94
C11 L35 I . -4.47 -5.41 4.74
C12 L35 I . -3.88 -6.15 5.76
C13 L35 I . -3.63 -5.57 7.00
C14 L35 I . -3.24 -4.13 9.59
C15 L35 I . -4.22 -5.13 10.21
C16 L35 I . -3.03 -2.99 10.57
C17 L35 I . -1.89 -4.73 9.34
N1 L35 I . -4.25 -6.18 1.28
N2 L35 I . -4.70 -5.95 3.50
O1 L35 I . -3.63 -4.31 2.37
O2 L35 I . -3.77 -3.57 8.38
O3 L35 I . -1.13 -4.13 8.55
O4 L35 I . -1.54 -5.79 9.92
CL1 L35 I . -3.78 -7.81 -3.50
CL2 L35 I . -1.97 -2.96 -2.09
CHA HEM J . 17.77 3.35 -17.03
CHB HEM J . 14.49 6.90 -16.78
CHC HEM J . 13.29 5.49 -12.33
CHD HEM J . 16.32 1.73 -12.63
C1A HEM J . 17.03 4.46 -17.34
C2A HEM J . 17.22 5.33 -18.51
C3A HEM J . 16.30 6.31 -18.43
C4A HEM J . 15.53 6.12 -17.20
CMA HEM J . 16.10 7.48 -19.44
CAA HEM J . 18.25 5.10 -19.64
CBA HEM J . 17.58 4.10 -20.59
CGA HEM J . 18.35 3.83 -21.87
O1A HEM J . 17.84 4.12 -22.98
O2A HEM J . 19.47 3.29 -21.79
C1B HEM J . 13.82 6.83 -15.57
C2B HEM J . 12.72 7.65 -15.14
C3B HEM J . 12.40 7.26 -13.89
C4B HEM J . 13.27 6.16 -13.53
CMB HEM J . 12.14 8.80 -16.00
CAB HEM J . 11.30 7.83 -12.95
CBB HEM J . 11.04 9.15 -12.91
C1C HEM J . 14.04 4.39 -11.99
C2C HEM J . 14.05 3.72 -10.70
C3C HEM J . 14.91 2.68 -10.78
C4C HEM J . 15.42 2.66 -12.13
CMC HEM J . 13.26 4.22 -9.47
CAC HEM J . 15.25 1.67 -9.65
CBC HEM J . 15.42 2.04 -8.38
C1D HEM J . 17.02 1.85 -13.81
C2D HEM J . 18.13 1.00 -14.19
C3D HEM J . 18.57 1.50 -15.54
C4D HEM J . 17.70 2.61 -15.86
CMD HEM J . 18.72 -0.17 -13.41
CAD HEM J . 19.73 0.94 -16.39
CBD HEM J . 20.95 1.75 -15.98
CGD HEM J . 22.15 1.44 -16.85
O1D HEM J . 23.25 1.90 -16.45
O2D HEM J . 22.00 0.78 -17.91
NA HEM J . 16.01 4.98 -16.58
NB HEM J . 14.10 5.90 -14.59
NC HEM J . 14.88 3.70 -12.85
ND HEM J . 16.81 2.80 -14.81
FE HEM J . 15.23 4.16 -14.87
C1 L35 K . 2.78 4.26 -3.57
C2 L35 K . 4.04 4.55 -3.06
C3 L35 K . 4.39 5.86 -2.79
C4 L35 K . 3.53 6.91 -3.01
C5 L35 K . 2.27 6.61 -3.52
C6 L35 K . 1.87 5.30 -3.79
C7 L35 K . 1.37 2.42 -4.28
C8 L35 K . -1.41 -1.00 -6.76
C9 L35 K . -0.76 0.07 -7.37
C10 L35 K . 0.21 0.78 -6.68
C11 L35 K . 0.52 0.46 -5.35
C12 L35 K . -0.12 -0.62 -4.74
C13 L35 K . -1.09 -1.34 -5.44
C14 L35 K . -3.16 -2.81 -7.17
C15 L35 K . -2.28 -4.00 -6.81
C16 L35 K . -3.99 -3.15 -8.41
C17 L35 K . -4.13 -2.41 -6.07
N1 L35 K . 2.51 2.94 -3.81
N2 L35 K . 1.49 1.14 -4.67
O1 L35 K . 0.40 3.11 -4.56
O2 L35 K . -2.36 -1.67 -7.52
O3 L35 K . -4.56 -1.23 -6.05
O4 L35 K . -4.49 -3.26 -5.22
CL1 L35 K . 1.18 7.99 -3.76
CL2 L35 K . 6.01 6.20 -2.13
#